data_8T53
#
_entry.id   8T53
#
_cell.length_a   1.00
_cell.length_b   1.00
_cell.length_c   1.00
_cell.angle_alpha   90.00
_cell.angle_beta   90.00
_cell.angle_gamma   90.00
#
_symmetry.space_group_name_H-M   'P 1'
#
_entity_poly.entity_id   1
_entity_poly.type   'polypeptide(L)'
_entity_poly.pdbx_seq_one_letter_code
;GGSGSGGWSHPQFEKGGGSGGGSGGSAWSHPQFEKSSGVDLGTENLYFQSNAMDNIDNKYNPQLCKIFLAISDLIFFNLA
LWFSLGCVYFIFDQVQRFIPQDQLDTRVITHFILSVVCVGWFWIRLRHYTYRKPFWYELKEIFRTIVIFAIFDLALIAFT
KWQFSRYVWVFCWTFALILVPFFRALTKHLLNKLGIWKKKTIILGSGQNARGAYSALQSEEMMGFDVIAFFDTDASDAEI
NMLPVIKDTEIIWDLNRTGDVHYILAYEYTELEKTHFWLRELSKHHCRSVTVVPSFRGLPLYNTDMSFIFSHEVMLLRIQ
NNLAKRSSRFLKRTFDIVCSIMILIIASPLMIYLWYKVTRDGGPAIYGHQRVGRHGKLFPCYKFRSMVMNSQEVLKELLA
NDPIARAEWEKDFKLKNDPRITAVGRFIRKTSLDELPQLFNVLKGDMSLVGPRPIVSDELERYCDDVDYYLMAKPGMTGL
WQVSGRNDVDYDTRVYFDSWYVKNWTLWNDIAILFKTAKVVLRRDGAY
;
_entity_poly.pdbx_strand_id   A,B
#
# COMPACT_ATOMS: atom_id res chain seq x y z
N LYS A 59 18.90 28.10 2.31
CA LYS A 59 19.97 27.44 3.04
C LYS A 59 19.56 25.98 3.23
N TYR A 60 18.39 25.65 2.68
CA TYR A 60 17.88 24.28 2.71
C TYR A 60 18.88 23.35 2.03
N ASN A 61 19.11 22.20 2.65
CA ASN A 61 20.03 21.21 2.10
C ASN A 61 19.50 19.80 2.30
N PRO A 62 19.09 19.12 1.23
CA PRO A 62 18.62 17.73 1.39
C PRO A 62 19.75 16.72 1.61
N GLN A 63 20.88 16.84 0.91
CA GLN A 63 21.93 15.85 1.06
C GLN A 63 22.48 15.80 2.47
N LEU A 64 22.74 16.97 3.07
CA LEU A 64 23.27 16.99 4.43
C LEU A 64 22.26 16.40 5.41
N CYS A 65 20.97 16.73 5.24
CA CYS A 65 19.95 16.17 6.12
C CYS A 65 19.88 14.66 6.02
N LYS A 66 19.92 14.13 4.79
CA LYS A 66 19.86 12.68 4.60
C LYS A 66 21.08 12.01 5.23
N ILE A 67 22.27 12.57 4.99
CA ILE A 67 23.49 11.98 5.53
C ILE A 67 23.46 11.99 7.05
N PHE A 68 23.07 13.12 7.64
CA PHE A 68 23.03 13.23 9.09
C PHE A 68 22.00 12.29 9.68
N LEU A 69 20.82 12.16 9.05
CA LEU A 69 19.80 11.26 9.57
C LEU A 69 20.26 9.81 9.50
N ALA A 70 20.90 9.42 8.40
CA ALA A 70 21.41 8.05 8.30
C ALA A 70 22.48 7.79 9.36
N ILE A 71 23.40 8.75 9.54
CA ILE A 71 24.45 8.59 10.52
C ILE A 71 23.85 8.45 11.92
N SER A 72 22.88 9.30 12.25
CA SER A 72 22.23 9.24 13.55
C SER A 72 21.53 7.91 13.76
N ASP A 73 20.77 7.45 12.75
CA ASP A 73 20.04 6.21 12.89
C ASP A 73 21.00 5.05 13.16
N LEU A 74 22.06 4.94 12.36
CA LEU A 74 23.01 3.85 12.53
C LEU A 74 23.72 3.93 13.89
N ILE A 75 24.21 5.12 14.24
CA ILE A 75 24.98 5.27 15.47
C ILE A 75 24.14 4.96 16.69
N PHE A 76 22.91 5.47 16.73
CA PHE A 76 22.07 5.23 17.90
C PHE A 76 21.49 3.82 17.92
N PHE A 77 21.30 3.19 16.76
CA PHE A 77 20.93 1.77 16.75
C PHE A 77 22.02 0.92 17.35
N ASN A 78 23.29 1.22 17.04
CA ASN A 78 24.39 0.53 17.71
C ASN A 78 24.45 0.88 19.19
N LEU A 79 24.24 2.16 19.52
CA LEU A 79 24.32 2.61 20.90
C LEU A 79 23.26 1.96 21.78
N ALA A 80 22.13 1.54 21.20
CA ALA A 80 21.16 0.78 21.98
C ALA A 80 21.76 -0.51 22.50
N LEU A 81 22.46 -1.25 21.64
CA LEU A 81 23.10 -2.48 22.07
C LEU A 81 24.24 -2.20 23.05
N TRP A 82 25.01 -1.13 22.80
CA TRP A 82 26.07 -0.79 23.76
C TRP A 82 25.48 -0.46 25.13
N PHE A 83 24.35 0.25 25.17
CA PHE A 83 23.69 0.57 26.43
C PHE A 83 23.17 -0.68 27.11
N SER A 84 22.62 -1.62 26.33
CA SER A 84 22.19 -2.89 26.91
C SER A 84 23.37 -3.62 27.53
N LEU A 85 24.50 -3.64 26.83
CA LEU A 85 25.71 -4.27 27.36
C LEU A 85 26.13 -3.59 28.66
N GLY A 86 26.11 -2.25 28.69
CA GLY A 86 26.52 -1.54 29.87
C GLY A 86 25.62 -1.79 31.07
N CYS A 87 24.30 -1.79 30.84
CA CYS A 87 23.37 -2.05 31.93
C CYS A 87 23.50 -3.48 32.45
N VAL A 88 23.63 -4.45 31.54
CA VAL A 88 23.82 -5.84 31.95
C VAL A 88 25.10 -5.97 32.77
N TYR A 89 26.17 -5.30 32.35
CA TYR A 89 27.40 -5.34 33.13
C TYR A 89 27.23 -4.69 34.49
N PHE A 90 26.55 -3.55 34.55
CA PHE A 90 26.41 -2.85 35.81
C PHE A 90 25.58 -3.62 36.82
N ILE A 91 24.52 -4.28 36.37
CA ILE A 91 23.65 -4.95 37.33
C ILE A 91 24.04 -6.42 37.55
N PHE A 92 24.73 -7.04 36.60
CA PHE A 92 25.11 -8.45 36.71
C PHE A 92 26.59 -8.66 37.01
N ASP A 93 27.47 -7.81 36.46
CA ASP A 93 28.93 -7.81 36.62
C ASP A 93 29.64 -8.87 35.80
N GLN A 94 28.92 -9.73 35.07
CA GLN A 94 29.55 -10.74 34.22
C GLN A 94 28.63 -11.04 33.04
N VAL A 95 29.11 -10.74 31.83
CA VAL A 95 28.37 -11.05 30.61
C VAL A 95 29.02 -12.26 29.94
N GLN A 96 30.30 -12.49 30.23
CA GLN A 96 30.89 -13.77 29.88
C GLN A 96 30.10 -14.91 30.47
N ARG A 97 29.56 -14.70 31.68
CA ARG A 97 28.48 -15.52 32.19
C ARG A 97 27.44 -15.78 31.11
N PHE A 98 26.96 -14.71 30.47
CA PHE A 98 25.84 -14.77 29.55
C PHE A 98 26.30 -15.00 28.12
N ILE A 99 27.06 -14.06 27.57
CA ILE A 99 27.62 -14.18 26.23
C ILE A 99 29.14 -14.32 26.37
N PRO A 100 29.71 -15.47 26.06
CA PRO A 100 31.17 -15.61 26.10
C PRO A 100 31.84 -14.65 25.13
N GLN A 101 33.18 -14.59 25.24
CA GLN A 101 33.93 -13.54 24.55
C GLN A 101 33.95 -13.75 23.04
N ASP A 102 34.21 -14.98 22.58
CA ASP A 102 34.32 -15.23 21.15
C ASP A 102 33.02 -14.96 20.40
N GLN A 103 31.87 -14.98 21.09
CA GLN A 103 30.61 -14.56 20.49
C GLN A 103 30.61 -13.08 20.11
N LEU A 104 31.17 -12.23 20.98
CA LEU A 104 30.96 -10.78 20.88
C LEU A 104 31.11 -10.29 19.44
N ASP A 105 32.33 -10.41 18.91
CA ASP A 105 32.59 -9.90 17.56
C ASP A 105 31.57 -10.45 16.58
N THR A 106 31.42 -11.78 16.54
CA THR A 106 30.42 -12.37 15.68
C THR A 106 29.08 -11.71 15.90
N ARG A 107 28.57 -11.76 17.12
CA ARG A 107 27.28 -11.15 17.41
C ARG A 107 27.27 -9.71 16.94
N VAL A 108 28.30 -8.93 17.29
CA VAL A 108 28.22 -7.51 17.01
C VAL A 108 28.19 -7.28 15.51
N ILE A 109 28.96 -8.06 14.75
CA ILE A 109 28.96 -7.82 13.31
C ILE A 109 27.59 -8.12 12.73
N THR A 110 26.94 -9.18 13.24
CA THR A 110 25.57 -9.45 12.82
C THR A 110 24.68 -8.26 13.11
N HIS A 111 24.78 -7.72 14.32
CA HIS A 111 24.02 -6.52 14.65
C HIS A 111 24.35 -5.41 13.67
N PHE A 112 25.65 -5.20 13.39
CA PHE A 112 26.03 -4.20 12.40
C PHE A 112 25.32 -4.44 11.09
N ILE A 113 25.33 -5.68 10.60
CA ILE A 113 24.62 -5.98 9.36
C ILE A 113 23.16 -5.60 9.51
N LEU A 114 22.52 -6.07 10.58
CA LEU A 114 21.11 -5.72 10.79
C LEU A 114 20.95 -4.21 10.73
N SER A 115 21.84 -3.48 11.40
CA SER A 115 21.73 -2.02 11.42
C SER A 115 21.68 -1.46 10.01
N VAL A 116 22.64 -1.84 9.15
CA VAL A 116 22.62 -1.26 7.82
C VAL A 116 21.38 -1.73 7.08
N VAL A 117 20.97 -2.99 7.29
CA VAL A 117 19.73 -3.46 6.70
C VAL A 117 18.59 -2.53 7.09
N CYS A 118 18.52 -2.19 8.39
CA CYS A 118 17.50 -1.25 8.84
C CYS A 118 17.54 0.03 8.04
N VAL A 119 18.71 0.67 7.93
CA VAL A 119 18.76 1.93 7.23
C VAL A 119 18.44 1.72 5.76
N GLY A 120 18.86 0.57 5.20
CA GLY A 120 18.48 0.25 3.84
C GLY A 120 16.97 0.17 3.71
N TRP A 121 16.31 -0.51 4.64
CA TRP A 121 14.86 -0.63 4.59
C TRP A 121 14.21 0.73 4.80
N PHE A 122 14.95 1.68 5.37
CA PHE A 122 14.41 3.01 5.54
C PHE A 122 14.79 3.94 4.39
N TRP A 123 15.79 3.55 3.59
CA TRP A 123 16.26 4.45 2.54
C TRP A 123 15.63 4.11 1.19
N ILE A 124 15.83 2.89 0.72
CA ILE A 124 15.46 2.56 -0.65
C ILE A 124 14.05 1.97 -0.77
N ARG A 125 13.50 1.45 0.32
CA ARG A 125 12.15 0.88 0.30
C ARG A 125 11.11 1.81 0.90
N LEU A 126 11.36 2.35 2.09
CA LEU A 126 10.39 3.21 2.75
C LEU A 126 10.60 4.69 2.44
N ARG A 127 11.77 5.06 1.92
CA ARG A 127 12.03 6.40 1.39
C ARG A 127 11.78 7.48 2.44
N HIS A 128 12.30 7.28 3.65
CA HIS A 128 12.16 8.29 4.68
C HIS A 128 13.04 9.50 4.44
N TYR A 129 14.00 9.41 3.53
CA TYR A 129 14.99 10.47 3.35
C TYR A 129 14.67 11.39 2.17
N THR A 130 13.67 11.06 1.37
CA THR A 130 13.29 11.90 0.24
C THR A 130 11.87 12.44 0.30
N TYR A 131 10.97 11.80 1.03
CA TYR A 131 9.59 12.24 1.13
C TYR A 131 9.21 12.44 2.59
N ARG A 132 8.50 13.53 2.86
CA ARG A 132 8.19 13.93 4.23
C ARG A 132 6.79 13.44 4.62
N LYS A 133 6.70 12.89 5.82
CA LYS A 133 5.47 12.40 6.42
C LYS A 133 5.27 13.04 7.79
N PRO A 134 4.03 13.08 8.29
CA PRO A 134 3.81 13.61 9.64
C PRO A 134 4.56 12.78 10.68
N PHE A 135 4.83 13.41 11.82
CA PHE A 135 5.62 12.76 12.87
C PHE A 135 4.97 11.45 13.32
N TRP A 136 3.64 11.43 13.43
CA TRP A 136 2.98 10.24 13.95
C TRP A 136 2.96 9.10 12.94
N TYR A 137 2.71 9.40 11.66
CA TYR A 137 2.77 8.34 10.64
C TYR A 137 4.19 7.79 10.53
N GLU A 138 5.18 8.68 10.49
CA GLU A 138 6.58 8.24 10.51
C GLU A 138 6.84 7.35 11.71
N LEU A 139 6.33 7.73 12.88
CA LEU A 139 6.67 7.03 14.11
C LEU A 139 6.02 5.65 14.15
N LYS A 140 4.77 5.56 13.70
CA LYS A 140 4.09 4.27 13.60
C LYS A 140 4.79 3.35 12.61
N GLU A 141 5.17 3.89 11.45
CA GLU A 141 5.85 3.08 10.45
C GLU A 141 7.20 2.59 10.96
N ILE A 142 7.91 3.45 11.71
CA ILE A 142 9.20 3.05 12.27
C ILE A 142 9.02 1.98 13.34
N PHE A 143 8.01 2.11 14.20
CA PHE A 143 7.72 1.03 15.15
C PHE A 143 7.39 -0.28 14.45
N ARG A 144 6.58 -0.22 13.38
CA ARG A 144 6.26 -1.47 12.69
C ARG A 144 7.51 -2.09 12.07
N THR A 145 8.38 -1.27 11.48
CA THR A 145 9.64 -1.79 10.96
C THR A 145 10.47 -2.43 12.06
N ILE A 146 10.56 -1.76 13.22
CA ILE A 146 11.42 -2.28 14.29
C ILE A 146 10.84 -3.57 14.87
N VAL A 147 9.51 -3.68 14.98
CA VAL A 147 8.95 -4.92 15.54
C VAL A 147 9.08 -6.06 14.54
N ILE A 148 8.96 -5.79 13.24
CA ILE A 148 9.24 -6.83 12.25
C ILE A 148 10.70 -7.27 12.36
N PHE A 149 11.62 -6.30 12.51
CA PHE A 149 13.01 -6.63 12.74
C PHE A 149 13.21 -7.39 14.05
N ALA A 150 12.35 -7.14 15.04
CA ALA A 150 12.41 -7.89 16.29
C ALA A 150 12.07 -9.36 16.07
N ILE A 151 11.05 -9.61 15.24
CA ILE A 151 10.78 -10.98 14.81
C ILE A 151 12.01 -11.57 14.12
N PHE A 152 12.58 -10.81 13.19
CA PHE A 152 13.83 -11.22 12.52
C PHE A 152 14.87 -11.68 13.53
N ASP A 153 15.27 -10.79 14.43
CA ASP A 153 16.43 -11.04 15.29
C ASP A 153 16.13 -12.11 16.32
N LEU A 154 14.91 -12.15 16.84
CA LEU A 154 14.53 -13.22 17.76
C LEU A 154 14.58 -14.58 17.07
N ALA A 155 14.14 -14.64 15.81
CA ALA A 155 14.29 -15.87 15.04
C ALA A 155 15.76 -16.23 14.87
N LEU A 156 16.59 -15.25 14.50
CA LEU A 156 18.01 -15.53 14.28
C LEU A 156 18.67 -16.08 15.54
N ILE A 157 18.33 -15.51 16.70
CA ILE A 157 18.88 -16.02 17.95
C ILE A 157 18.33 -17.40 18.26
N ALA A 158 17.05 -17.64 17.95
CA ALA A 158 16.42 -18.91 18.29
C ALA A 158 17.10 -20.08 17.57
N PHE A 159 17.40 -19.94 16.28
CA PHE A 159 18.05 -21.01 15.54
C PHE A 159 19.48 -21.25 15.98
N THR A 160 20.08 -20.35 16.75
CA THR A 160 21.43 -20.54 17.24
C THR A 160 21.41 -21.20 18.62
N SER A 165 20.49 -13.75 24.26
CA SER A 165 19.69 -13.83 25.47
C SER A 165 18.42 -12.99 25.35
N ARG A 166 17.36 -13.44 26.02
CA ARG A 166 16.11 -12.70 26.02
C ARG A 166 16.28 -11.33 26.68
N TYR A 167 16.97 -11.29 27.82
CA TYR A 167 17.07 -10.06 28.58
C TYR A 167 17.85 -9.00 27.81
N VAL A 168 19.01 -9.37 27.26
CA VAL A 168 19.84 -8.42 26.54
C VAL A 168 19.12 -7.92 25.29
N TRP A 169 18.47 -8.84 24.56
CA TRP A 169 17.75 -8.46 23.36
C TRP A 169 16.62 -7.48 23.67
N VAL A 170 15.83 -7.79 24.71
CA VAL A 170 14.72 -6.91 25.08
C VAL A 170 15.24 -5.54 25.51
N PHE A 171 16.27 -5.53 26.37
CA PHE A 171 16.84 -4.26 26.82
C PHE A 171 17.32 -3.44 25.63
N CYS A 172 18.11 -4.07 24.75
CA CYS A 172 18.72 -3.36 23.63
C CYS A 172 17.67 -2.78 22.70
N TRP A 173 16.61 -3.53 22.40
CA TRP A 173 15.70 -2.99 21.39
C TRP A 173 14.56 -2.18 21.97
N THR A 174 14.25 -2.28 23.26
CA THR A 174 13.51 -1.20 23.89
C THR A 174 14.33 0.08 23.88
N PHE A 175 15.64 -0.01 24.12
CA PHE A 175 16.51 1.14 23.99
C PHE A 175 16.43 1.73 22.60
N ALA A 176 16.55 0.88 21.56
CA ALA A 176 16.49 1.37 20.20
C ALA A 176 15.15 2.00 19.89
N LEU A 177 14.05 1.34 20.29
CA LEU A 177 12.72 1.87 20.04
C LEU A 177 12.52 3.23 20.69
N ILE A 178 13.05 3.43 21.89
CA ILE A 178 12.93 4.73 22.53
C ILE A 178 13.84 5.77 21.85
N LEU A 179 15.06 5.37 21.48
CA LEU A 179 16.09 6.36 21.19
C LEU A 179 16.13 6.77 19.72
N VAL A 180 15.99 5.81 18.79
CA VAL A 180 16.13 6.13 17.37
C VAL A 180 15.14 7.20 16.92
N PRO A 181 13.83 7.09 17.20
CA PRO A 181 12.94 8.19 16.83
C PRO A 181 13.24 9.47 17.59
N PHE A 182 13.51 9.40 18.89
CA PHE A 182 13.76 10.62 19.66
C PHE A 182 15.06 11.30 19.23
N PHE A 183 16.13 10.53 19.04
CA PHE A 183 17.37 11.15 18.58
C PHE A 183 17.28 11.61 17.13
N ARG A 184 16.52 10.92 16.29
CA ARG A 184 16.30 11.44 14.94
C ARG A 184 15.54 12.75 14.98
N ALA A 185 14.58 12.88 15.90
CA ALA A 185 13.88 14.14 16.09
C ALA A 185 14.84 15.23 16.56
N LEU A 186 15.74 14.89 17.49
CA LEU A 186 16.73 15.85 17.95
C LEU A 186 17.62 16.30 16.80
N THR A 187 18.03 15.36 15.94
CA THR A 187 18.86 15.70 14.80
C THR A 187 18.14 16.63 13.83
N LYS A 188 16.87 16.34 13.52
CA LYS A 188 16.21 17.21 12.55
C LYS A 188 15.88 18.57 13.17
N HIS A 189 15.63 18.63 14.48
CA HIS A 189 15.50 19.92 15.13
C HIS A 189 16.80 20.71 15.08
N LEU A 190 17.93 20.04 15.30
CA LEU A 190 19.21 20.72 15.21
C LEU A 190 19.48 21.23 13.80
N LEU A 191 19.14 20.41 12.79
CA LEU A 191 19.32 20.85 11.41
C LEU A 191 18.37 22.00 11.07
N ASN A 192 17.18 21.99 11.66
CA ASN A 192 16.26 23.12 11.53
C ASN A 192 16.88 24.39 12.11
N LYS A 193 17.53 24.26 13.27
CA LYS A 193 18.29 25.39 13.81
C LYS A 193 19.45 25.75 12.89
N LEU A 194 19.96 24.80 12.12
CA LEU A 194 21.00 25.05 11.15
C LEU A 194 20.47 25.51 9.80
N GLY A 195 19.16 25.48 9.59
CA GLY A 195 18.57 26.05 8.40
C GLY A 195 18.64 25.21 7.14
N ILE A 196 19.06 23.96 7.24
CA ILE A 196 19.04 23.06 6.09
C ILE A 196 17.82 22.16 6.07
N TRP A 197 16.93 22.31 7.06
CA TRP A 197 15.73 21.49 7.18
C TRP A 197 14.51 22.10 6.49
N LYS A 198 14.27 23.39 6.70
CA LYS A 198 13.12 24.05 6.09
C LYS A 198 13.36 24.25 4.60
N LYS A 199 12.51 23.63 3.78
CA LYS A 199 12.58 23.79 2.33
C LYS A 199 11.42 24.64 1.84
N LYS A 200 11.72 25.50 0.87
CA LYS A 200 10.77 26.50 0.40
C LYS A 200 9.70 25.86 -0.46
N THR A 201 8.44 26.20 -0.19
CA THR A 201 7.30 25.61 -0.89
C THR A 201 6.37 26.70 -1.40
N ILE A 202 5.75 26.42 -2.55
CA ILE A 202 4.80 27.30 -3.19
C ILE A 202 3.45 26.61 -3.23
N ILE A 203 2.42 27.26 -2.71
CA ILE A 203 1.05 26.74 -2.73
C ILE A 203 0.34 27.26 -3.95
N LEU A 204 -0.50 26.43 -4.56
CA LEU A 204 -1.33 26.83 -5.69
C LEU A 204 -2.80 26.78 -5.25
N GLY A 205 -3.50 27.90 -5.45
CA GLY A 205 -4.88 28.01 -5.03
C GLY A 205 -5.11 29.20 -4.12
N SER A 206 -6.28 29.83 -4.22
CA SER A 206 -6.59 31.03 -3.43
C SER A 206 -7.91 30.90 -2.68
N GLY A 207 -8.40 29.69 -2.49
CA GLY A 207 -9.64 29.45 -1.79
C GLY A 207 -9.42 28.88 -0.40
N GLN A 208 -10.50 28.31 0.15
CA GLN A 208 -10.44 27.77 1.50
C GLN A 208 -9.54 26.54 1.58
N ASN A 209 -9.50 25.74 0.52
CA ASN A 209 -8.67 24.53 0.56
C ASN A 209 -7.19 24.88 0.69
N ALA A 210 -6.73 25.89 -0.05
CA ALA A 210 -5.33 26.27 0.00
C ALA A 210 -4.94 26.75 1.39
N ARG A 211 -5.77 27.61 2.00
CA ARG A 211 -5.46 28.14 3.31
C ARG A 211 -5.60 27.08 4.39
N GLY A 212 -6.54 26.15 4.22
CA GLY A 212 -6.67 25.06 5.16
C GLY A 212 -5.47 24.12 5.13
N ALA A 213 -5.00 23.78 3.93
CA ALA A 213 -3.78 23.00 3.82
C ALA A 213 -2.59 23.76 4.39
N TYR A 214 -2.56 25.07 4.17
CA TYR A 214 -1.54 25.93 4.76
C TYR A 214 -1.52 25.80 6.28
N SER A 215 -2.70 25.96 6.90
CA SER A 215 -2.80 25.87 8.36
C SER A 215 -2.43 24.48 8.86
N ALA A 216 -2.90 23.44 8.17
CA ALA A 216 -2.54 22.08 8.56
C ALA A 216 -1.04 21.85 8.41
N LEU A 217 -0.40 22.58 7.49
CA LEU A 217 1.05 22.49 7.36
C LEU A 217 1.74 23.15 8.55
N GLN A 218 1.25 24.31 8.98
CA GLN A 218 1.80 24.88 10.21
C GLN A 218 1.44 24.06 11.45
N SER A 219 0.46 23.15 11.34
CA SER A 219 0.15 22.29 12.47
C SER A 219 1.30 21.36 12.83
N GLU A 220 2.22 21.12 11.90
CA GLU A 220 3.42 20.30 12.16
C GLU A 220 4.60 20.99 11.49
N GLU A 221 5.28 21.85 12.24
CA GLU A 221 6.44 22.56 11.70
C GLU A 221 7.65 21.65 11.56
N MET A 222 7.67 20.52 12.28
CA MET A 222 8.79 19.60 12.20
C MET A 222 8.93 18.95 10.82
N MET A 223 7.91 19.08 9.96
CA MET A 223 8.01 18.55 8.61
C MET A 223 9.11 19.22 7.82
N GLY A 224 9.29 20.54 7.98
CA GLY A 224 10.29 21.26 7.21
C GLY A 224 9.79 21.95 5.98
N PHE A 225 8.46 22.10 5.83
CA PHE A 225 7.88 22.82 4.71
C PHE A 225 7.70 24.26 5.11
N ASP A 226 8.50 25.16 4.54
CA ASP A 226 8.34 26.59 4.76
C ASP A 226 7.59 27.15 3.57
N VAL A 227 6.31 27.47 3.76
CA VAL A 227 5.52 28.09 2.71
C VAL A 227 6.03 29.52 2.50
N ILE A 228 6.52 29.80 1.30
CA ILE A 228 7.16 31.09 1.06
C ILE A 228 6.23 32.00 0.27
N ALA A 229 5.39 31.43 -0.57
CA ALA A 229 4.43 32.23 -1.32
C ALA A 229 3.35 31.33 -1.89
N PHE A 230 2.22 31.94 -2.21
CA PHE A 230 1.12 31.27 -2.90
C PHE A 230 1.20 31.53 -4.40
N PHE A 231 0.25 30.95 -5.12
CA PHE A 231 0.05 31.25 -6.53
C PHE A 231 -1.39 30.97 -6.91
N ASP A 232 -2.00 31.92 -7.61
CA ASP A 232 -3.32 31.71 -8.22
C ASP A 232 -3.53 32.80 -9.25
N THR A 233 -3.75 32.41 -10.51
CA THR A 233 -3.94 33.38 -11.57
C THR A 233 -5.16 34.25 -11.33
N ASP A 234 -6.18 33.70 -10.67
CA ASP A 234 -7.46 34.39 -10.48
C ASP A 234 -7.69 34.77 -9.02
N ALA A 235 -6.63 34.98 -8.26
CA ALA A 235 -6.76 35.26 -6.83
C ALA A 235 -7.45 36.60 -6.62
N SER A 236 -8.51 36.59 -5.81
CA SER A 236 -9.21 37.83 -5.50
C SER A 236 -8.32 38.79 -4.72
N ASP A 237 -7.58 38.28 -3.74
CA ASP A 237 -6.79 39.11 -2.87
C ASP A 237 -5.33 39.12 -3.30
N ALA A 238 -4.55 39.98 -2.66
CA ALA A 238 -3.10 39.97 -2.80
C ALA A 238 -2.41 39.24 -1.66
N GLU A 239 -3.04 39.19 -0.48
CA GLU A 239 -2.48 38.52 0.68
C GLU A 239 -3.39 37.36 1.08
N ILE A 240 -2.83 36.16 1.05
CA ILE A 240 -3.46 34.98 1.62
C ILE A 240 -2.67 34.62 2.87
N ASN A 241 -3.32 34.69 4.03
CA ASN A 241 -2.64 34.49 5.30
C ASN A 241 -1.46 35.45 5.43
N MET A 242 -1.59 36.62 4.82
CA MET A 242 -0.54 37.62 4.65
C MET A 242 0.59 37.09 3.75
N LEU A 243 0.33 36.00 3.00
CA LEU A 243 1.46 35.62 2.15
C LEU A 243 1.31 36.23 0.76
N PRO A 244 2.42 36.46 0.06
CA PRO A 244 2.33 37.01 -1.29
C PRO A 244 1.69 36.02 -2.25
N VAL A 245 0.98 36.56 -3.23
CA VAL A 245 0.24 35.77 -4.22
C VAL A 245 0.81 36.07 -5.59
N ILE A 246 1.05 35.03 -6.37
CA ILE A 246 1.54 35.18 -7.73
C ILE A 246 0.41 34.85 -8.69
N LYS A 247 0.27 35.67 -9.74
CA LYS A 247 -0.69 35.41 -10.81
C LYS A 247 -0.03 35.14 -12.16
N ASP A 248 1.18 35.64 -12.38
CA ASP A 248 1.96 35.33 -13.56
C ASP A 248 2.95 34.24 -13.18
N THR A 249 2.84 33.07 -13.82
CA THR A 249 3.59 31.92 -13.36
C THR A 249 5.08 32.07 -13.65
N GLU A 250 5.46 33.10 -14.41
CA GLU A 250 6.87 33.32 -14.73
C GLU A 250 7.71 33.47 -13.47
N ILE A 251 7.14 34.06 -12.42
CA ILE A 251 7.84 34.12 -11.14
C ILE A 251 8.15 32.72 -10.63
N ILE A 252 7.17 31.81 -10.72
CA ILE A 252 7.37 30.44 -10.25
C ILE A 252 8.47 29.76 -11.06
N TRP A 253 8.45 29.90 -12.38
CA TRP A 253 9.50 29.21 -13.13
C TRP A 253 10.84 29.91 -12.99
N ASP A 254 10.85 31.19 -12.61
CA ASP A 254 12.12 31.85 -12.34
C ASP A 254 12.70 31.40 -11.01
N LEU A 255 11.84 31.05 -10.05
CA LEU A 255 12.32 30.51 -8.78
C LEU A 255 13.07 29.20 -8.95
N ASN A 256 12.88 28.51 -10.06
CA ASN A 256 13.51 27.23 -10.28
C ASN A 256 14.90 27.40 -10.91
N ASP A 260 14.93 23.62 -6.14
CA ASP A 260 14.68 23.17 -4.77
C ASP A 260 13.35 23.71 -4.26
N VAL A 261 12.58 24.31 -5.16
CA VAL A 261 11.27 24.84 -4.82
C VAL A 261 10.25 23.71 -4.87
N HIS A 262 9.67 23.39 -3.72
CA HIS A 262 8.62 22.38 -3.68
C HIS A 262 7.27 23.03 -3.98
N TYR A 263 6.31 22.19 -4.37
CA TYR A 263 5.01 22.68 -4.80
C TYR A 263 3.90 21.91 -4.10
N ILE A 264 2.84 22.63 -3.73
CA ILE A 264 1.67 22.05 -3.07
C ILE A 264 0.45 22.47 -3.86
N LEU A 265 -0.23 21.50 -4.47
CA LEU A 265 -1.46 21.75 -5.20
C LEU A 265 -2.64 21.55 -4.25
N ALA A 266 -3.43 22.59 -4.04
CA ALA A 266 -4.55 22.56 -3.13
C ALA A 266 -5.78 23.23 -3.74
N TYR A 267 -5.93 23.12 -5.05
CA TYR A 267 -7.11 23.65 -5.71
C TYR A 267 -8.34 22.86 -5.31
N GLU A 268 -9.47 23.56 -5.22
CA GLU A 268 -10.71 22.95 -4.79
C GLU A 268 -11.27 22.03 -5.87
N TYR A 269 -12.32 21.30 -5.50
CA TYR A 269 -12.88 20.28 -6.39
C TYR A 269 -13.38 20.90 -7.69
N THR A 270 -14.12 22.02 -7.59
CA THR A 270 -14.62 22.69 -8.79
C THR A 270 -13.50 23.21 -9.67
N GLU A 271 -12.31 23.43 -9.12
CA GLU A 271 -11.15 23.83 -9.89
C GLU A 271 -10.15 22.70 -10.06
N LEU A 272 -10.58 21.46 -9.82
CA LEU A 272 -9.70 20.30 -9.97
C LEU A 272 -9.09 20.24 -11.36
N GLU A 273 -9.85 20.68 -12.37
CA GLU A 273 -9.34 20.70 -13.74
C GLU A 273 -8.04 21.50 -13.83
N LYS A 274 -7.99 22.65 -13.16
CA LYS A 274 -6.77 23.43 -13.11
C LYS A 274 -5.59 22.57 -12.66
N THR A 275 -5.79 21.80 -11.58
CA THR A 275 -4.73 20.94 -11.08
C THR A 275 -4.23 20.02 -12.17
N HIS A 276 -5.15 19.45 -12.96
CA HIS A 276 -4.76 18.57 -14.06
C HIS A 276 -3.81 19.29 -15.00
N PHE A 277 -4.14 20.54 -15.36
CA PHE A 277 -3.23 21.34 -16.15
C PHE A 277 -1.89 21.49 -15.45
N TRP A 278 -1.92 21.86 -14.17
CA TRP A 278 -0.68 21.91 -13.40
C TRP A 278 -0.05 20.54 -13.28
N LEU A 279 -0.86 19.49 -13.30
CA LEU A 279 -0.32 18.13 -13.33
C LEU A 279 0.60 17.95 -14.52
N ARG A 280 0.25 18.57 -15.65
CA ARG A 280 1.16 18.56 -16.79
C ARG A 280 2.29 19.57 -16.60
N GLU A 281 1.99 20.72 -15.98
CA GLU A 281 2.96 21.82 -15.96
C GLU A 281 4.22 21.42 -15.22
N LEU A 282 4.08 20.92 -13.99
CA LEU A 282 5.24 20.51 -13.23
C LEU A 282 5.95 19.34 -13.89
N SER A 283 5.29 18.67 -14.84
CA SER A 283 5.95 17.61 -15.59
C SER A 283 6.87 18.16 -16.67
N LYS A 284 6.49 19.26 -17.33
CA LYS A 284 7.26 19.69 -18.49
C LYS A 284 8.58 20.32 -18.08
N HIS A 285 8.63 20.98 -16.93
CA HIS A 285 9.87 21.51 -16.40
C HIS A 285 10.57 20.53 -15.47
N HIS A 286 10.08 19.29 -15.39
CA HIS A 286 10.74 18.20 -14.68
C HIS A 286 10.89 18.50 -13.19
N CYS A 287 9.90 19.19 -12.61
CA CYS A 287 9.88 19.46 -11.18
C CYS A 287 9.37 18.21 -10.46
N ARG A 288 10.29 17.49 -9.82
CA ARG A 288 9.94 16.25 -9.14
C ARG A 288 9.44 16.47 -7.72
N SER A 289 9.51 17.69 -7.21
CA SER A 289 9.03 18.01 -5.86
C SER A 289 7.61 18.54 -5.97
N VAL A 290 6.65 17.60 -6.05
CA VAL A 290 5.25 17.93 -6.25
C VAL A 290 4.42 17.21 -5.21
N THR A 291 3.32 17.84 -4.79
CA THR A 291 2.41 17.27 -3.80
C THR A 291 1.03 17.88 -3.99
N VAL A 292 0.00 17.04 -3.97
CA VAL A 292 -1.38 17.47 -4.18
C VAL A 292 -2.19 17.07 -2.96
N VAL A 293 -2.95 18.03 -2.43
CA VAL A 293 -3.84 17.81 -1.29
C VAL A 293 -5.27 18.04 -1.76
N PRO A 294 -6.06 16.97 -1.92
CA PRO A 294 -7.44 17.14 -2.38
C PRO A 294 -8.31 17.80 -1.33
N SER A 295 -9.35 18.49 -1.80
CA SER A 295 -10.30 19.16 -0.92
C SER A 295 -11.32 18.18 -0.37
N VAL A 314 -8.99 2.20 -12.63
CA VAL A 314 -9.71 1.23 -11.81
C VAL A 314 -9.10 1.18 -10.42
N MET A 315 -9.58 2.04 -9.53
CA MET A 315 -9.08 2.13 -8.17
C MET A 315 -10.06 1.46 -7.21
N LEU A 316 -9.53 1.00 -6.08
CA LEU A 316 -10.28 0.24 -5.10
C LEU A 316 -9.95 0.75 -3.71
N LEU A 317 -10.81 1.59 -3.15
CA LEU A 317 -10.63 2.17 -1.83
C LEU A 317 -11.49 1.40 -0.84
N ARG A 318 -10.85 0.75 0.13
CA ARG A 318 -11.54 0.01 1.18
C ARG A 318 -11.62 0.88 2.42
N ILE A 319 -12.80 1.43 2.70
CA ILE A 319 -13.03 2.19 3.92
C ILE A 319 -13.18 1.22 5.08
N GLN A 320 -12.22 1.24 5.99
CA GLN A 320 -12.18 0.30 7.11
C GLN A 320 -12.89 0.94 8.31
N ASN A 321 -14.09 0.43 8.62
CA ASN A 321 -14.82 0.86 9.82
C ASN A 321 -14.30 0.01 10.97
N ASN A 322 -13.22 0.49 11.59
CA ASN A 322 -12.53 -0.29 12.63
C ASN A 322 -13.42 -0.53 13.83
N LEU A 323 -14.25 0.47 14.20
CA LEU A 323 -15.08 0.34 15.38
C LEU A 323 -16.17 -0.72 15.23
N ALA A 324 -16.42 -1.20 14.01
CA ALA A 324 -17.38 -2.27 13.80
C ALA A 324 -16.77 -3.66 13.98
N LYS A 325 -15.48 -3.74 14.29
CA LYS A 325 -14.81 -5.03 14.47
C LYS A 325 -14.77 -5.39 15.94
N ARG A 326 -15.21 -6.62 16.26
CA ARG A 326 -15.23 -7.07 17.64
C ARG A 326 -13.83 -7.17 18.22
N SER A 327 -12.86 -7.59 17.41
CA SER A 327 -11.48 -7.67 17.88
C SER A 327 -10.96 -6.30 18.25
N SER A 328 -11.25 -5.28 17.43
CA SER A 328 -10.85 -3.92 17.74
C SER A 328 -11.49 -3.43 19.03
N ARG A 329 -12.78 -3.75 19.22
CA ARG A 329 -13.46 -3.34 20.44
C ARG A 329 -12.87 -4.00 21.68
N PHE A 330 -12.55 -5.29 21.59
CA PHE A 330 -11.93 -5.98 22.73
C PHE A 330 -10.53 -5.42 23.01
N LEU A 331 -9.76 -5.14 21.96
CA LEU A 331 -8.44 -4.55 22.16
C LEU A 331 -8.55 -3.18 22.82
N LYS A 332 -9.52 -2.37 22.39
CA LYS A 332 -9.72 -1.06 23.01
C LYS A 332 -10.14 -1.21 24.46
N ARG A 333 -10.99 -2.20 24.76
CA ARG A 333 -11.40 -2.44 26.15
C ARG A 333 -10.20 -2.80 27.02
N THR A 334 -9.35 -3.71 26.54
CA THR A 334 -8.17 -4.11 27.31
C THR A 334 -7.21 -2.93 27.50
N PHE A 335 -6.96 -2.18 26.44
CA PHE A 335 -6.08 -1.02 26.54
C PHE A 335 -6.64 0.01 27.50
N ASP A 336 -7.96 0.25 27.45
CA ASP A 336 -8.59 1.21 28.34
C ASP A 336 -8.47 0.76 29.79
N ILE A 337 -8.69 -0.52 30.05
CA ILE A 337 -8.58 -1.03 31.42
C ILE A 337 -7.16 -0.83 31.94
N VAL A 338 -6.16 -1.23 31.14
CA VAL A 338 -4.77 -1.14 31.59
C VAL A 338 -4.37 0.32 31.83
N CYS A 339 -4.68 1.19 30.88
CA CYS A 339 -4.27 2.58 31.00
C CYS A 339 -5.00 3.28 32.16
N SER A 340 -6.29 3.00 32.33
CA SER A 340 -7.02 3.58 33.45
C SER A 340 -6.45 3.10 34.79
N ILE A 341 -6.10 1.81 34.88
CA ILE A 341 -5.53 1.30 36.12
C ILE A 341 -4.20 1.98 36.42
N MET A 342 -3.34 2.13 35.41
CA MET A 342 -2.04 2.74 35.66
C MET A 342 -2.18 4.22 36.00
N ILE A 343 -3.13 4.91 35.37
CA ILE A 343 -3.37 6.31 35.72
C ILE A 343 -3.88 6.43 37.15
N LEU A 344 -4.76 5.52 37.56
CA LEU A 344 -5.23 5.51 38.95
C LEU A 344 -4.05 5.30 39.90
N ILE A 345 -3.18 4.35 39.58
CA ILE A 345 -2.02 4.08 40.43
C ILE A 345 -1.13 5.31 40.54
N ILE A 346 -0.93 6.01 39.42
CA ILE A 346 -0.05 7.18 39.43
C ILE A 346 -0.68 8.34 40.20
N ALA A 347 -1.97 8.59 39.98
CA ALA A 347 -2.60 9.82 40.44
C ALA A 347 -3.45 9.66 41.70
N SER A 348 -3.42 8.49 42.34
CA SER A 348 -4.16 8.34 43.59
C SER A 348 -3.75 9.34 44.68
N PRO A 349 -2.47 9.64 44.92
CA PRO A 349 -2.16 10.62 45.99
C PRO A 349 -2.73 12.01 45.72
N LEU A 350 -2.60 12.50 44.48
CA LEU A 350 -3.14 13.81 44.15
C LEU A 350 -4.66 13.85 44.30
N MET A 351 -5.34 12.81 43.83
CA MET A 351 -6.80 12.77 43.94
C MET A 351 -7.24 12.71 45.40
N ILE A 352 -6.55 11.92 46.21
CA ILE A 352 -6.90 11.84 47.63
C ILE A 352 -6.64 13.16 48.33
N TYR A 353 -5.52 13.83 47.99
CA TYR A 353 -5.25 15.13 48.58
C TYR A 353 -6.32 16.14 48.21
N LEU A 354 -6.75 16.14 46.95
CA LEU A 354 -7.77 17.10 46.54
C LEU A 354 -9.10 16.76 47.21
N TRP A 355 -9.36 15.47 47.42
CA TRP A 355 -10.52 15.06 48.21
C TRP A 355 -10.47 15.64 49.60
N TYR A 356 -9.32 15.53 50.26
CA TYR A 356 -9.19 16.09 51.61
C TYR A 356 -9.39 17.60 51.60
N LYS A 357 -8.84 18.28 50.60
CA LYS A 357 -8.99 19.74 50.52
C LYS A 357 -10.44 20.14 50.29
N VAL A 358 -11.15 19.46 49.39
CA VAL A 358 -12.50 19.86 49.03
C VAL A 358 -13.49 19.49 50.13
N THR A 359 -13.31 18.32 50.76
CA THR A 359 -14.27 17.83 51.75
C THR A 359 -14.31 18.69 53.01
N ARG A 360 -13.55 19.78 53.09
CA ARG A 360 -13.63 20.66 54.24
C ARG A 360 -14.99 21.34 54.36
N ASP A 361 -15.76 21.40 53.26
CA ASP A 361 -17.10 21.97 53.28
C ASP A 361 -18.16 20.97 53.74
N GLY A 362 -17.83 19.69 53.82
CA GLY A 362 -18.74 18.68 54.31
C GLY A 362 -19.61 17.99 53.29
N GLY A 363 -19.29 18.11 52.00
CA GLY A 363 -20.10 17.51 50.96
C GLY A 363 -19.33 16.58 50.05
N PRO A 364 -20.05 15.90 49.15
CA PRO A 364 -19.38 14.97 48.23
C PRO A 364 -18.51 15.70 47.22
N ALA A 365 -17.20 15.48 47.33
CA ALA A 365 -16.27 16.10 46.39
C ALA A 365 -16.41 15.53 44.98
N ILE A 366 -17.09 14.39 44.84
CA ILE A 366 -17.28 13.72 43.56
C ILE A 366 -18.77 13.74 43.24
N TYR A 367 -19.12 14.15 42.02
CA TYR A 367 -20.51 14.20 41.61
C TYR A 367 -20.68 13.51 40.26
N GLY A 368 -21.89 13.01 40.04
CA GLY A 368 -22.22 12.35 38.79
C GLY A 368 -23.19 13.16 37.94
N HIS A 369 -22.74 13.58 36.77
CA HIS A 369 -23.57 14.35 35.84
C HIS A 369 -24.05 13.45 34.71
N GLN A 370 -25.34 13.55 34.38
CA GLN A 370 -25.89 12.71 33.32
C GLN A 370 -25.36 13.14 31.96
N ARG A 371 -24.85 12.16 31.20
CA ARG A 371 -24.32 12.43 29.86
C ARG A 371 -24.71 11.31 28.93
N VAL A 372 -24.71 11.61 27.63
CA VAL A 372 -25.04 10.63 26.60
C VAL A 372 -23.79 9.84 26.26
N GLY A 373 -23.87 8.52 26.33
CA GLY A 373 -22.74 7.64 26.11
C GLY A 373 -22.89 6.78 24.87
N ARG A 374 -22.28 5.60 24.92
CA ARG A 374 -22.34 4.67 23.79
C ARG A 374 -23.78 4.21 23.57
N HIS A 375 -24.15 4.10 22.28
CA HIS A 375 -25.51 3.74 21.85
C HIS A 375 -26.56 4.71 22.38
N GLY A 376 -26.16 5.91 22.79
CA GLY A 376 -27.07 6.85 23.40
C GLY A 376 -27.35 6.60 24.87
N LYS A 377 -26.66 5.65 25.50
CA LYS A 377 -26.92 5.31 26.88
C LYS A 377 -26.58 6.49 27.79
N LEU A 378 -27.46 6.77 28.75
CA LEU A 378 -27.23 7.85 29.69
C LEU A 378 -26.46 7.33 30.90
N PHE A 379 -25.34 7.97 31.19
CA PHE A 379 -24.44 7.53 32.24
C PHE A 379 -24.06 8.68 33.16
N PRO A 380 -23.92 8.42 34.45
CA PRO A 380 -23.33 9.40 35.37
C PRO A 380 -21.82 9.50 35.18
N CYS A 381 -21.37 10.58 34.54
CA CYS A 381 -19.97 10.90 34.47
C CYS A 381 -19.50 11.44 35.81
N TYR A 382 -18.40 10.89 36.33
CA TYR A 382 -17.86 11.31 37.61
C TYR A 382 -16.92 12.48 37.42
N LYS A 383 -17.14 13.55 38.19
CA LYS A 383 -16.30 14.74 38.11
C LYS A 383 -16.05 15.30 39.50
N PHE A 384 -14.91 15.95 39.66
CA PHE A 384 -14.61 16.65 40.89
C PHE A 384 -15.56 17.84 41.05
N ARG A 385 -16.08 18.03 42.25
CA ARG A 385 -17.01 19.11 42.49
C ARG A 385 -16.33 20.46 42.31
N SER A 386 -16.99 21.38 41.61
CA SER A 386 -16.43 22.69 41.31
C SER A 386 -17.27 23.85 41.85
N MET A 387 -18.43 23.57 42.44
CA MET A 387 -19.32 24.61 42.92
C MET A 387 -19.74 24.33 44.35
N VAL A 388 -20.22 25.38 45.03
CA VAL A 388 -20.68 25.23 46.40
C VAL A 388 -22.01 24.48 46.43
N MET A 389 -22.34 23.94 47.59
CA MET A 389 -23.58 23.19 47.78
C MET A 389 -24.80 24.09 47.64
N PHE A 427 -8.84 26.78 40.81
CA PHE A 427 -7.53 26.16 40.64
C PHE A 427 -7.65 24.79 39.98
N ILE A 428 -8.64 24.02 40.43
CA ILE A 428 -8.87 22.69 39.85
C ILE A 428 -9.30 22.82 38.40
N ARG A 429 -10.22 23.75 38.12
CA ARG A 429 -10.71 23.93 36.75
C ARG A 429 -9.62 24.46 35.83
N LYS A 430 -8.79 25.38 36.34
CA LYS A 430 -7.68 25.89 35.53
C LYS A 430 -6.71 24.77 35.19
N THR A 431 -6.43 23.88 36.14
CA THR A 431 -5.56 22.75 35.94
C THR A 431 -6.26 21.57 35.28
N SER A 432 -7.58 21.66 35.08
CA SER A 432 -8.38 20.64 34.40
C SER A 432 -8.35 19.30 35.13
N LEU A 433 -8.11 19.30 36.43
CA LEU A 433 -8.10 18.04 37.19
C LEU A 433 -9.50 17.53 37.48
N ASP A 434 -10.53 18.36 37.31
CA ASP A 434 -11.89 17.97 37.67
C ASP A 434 -12.40 16.80 36.84
N GLU A 435 -11.75 16.48 35.72
CA GLU A 435 -12.14 15.35 34.88
C GLU A 435 -11.44 14.06 35.28
N LEU A 436 -10.67 14.08 36.36
CA LEU A 436 -9.96 12.86 36.79
C LEU A 436 -10.88 11.70 37.14
N PRO A 437 -11.96 11.87 37.93
CA PRO A 437 -12.73 10.70 38.37
C PRO A 437 -13.39 9.91 37.24
N GLN A 438 -13.39 10.44 36.01
CA GLN A 438 -13.92 9.69 34.88
C GLN A 438 -13.17 8.39 34.65
N LEU A 439 -11.95 8.28 35.19
CA LEU A 439 -11.24 7.00 35.16
C LEU A 439 -12.07 5.90 35.82
N PHE A 440 -12.69 6.21 36.96
CA PHE A 440 -13.64 5.28 37.57
C PHE A 440 -14.71 4.90 36.55
N ASN A 441 -15.24 5.89 35.84
CA ASN A 441 -16.18 5.60 34.74
C ASN A 441 -15.57 4.65 33.73
N VAL A 442 -14.32 4.92 33.31
CA VAL A 442 -13.65 4.05 32.36
C VAL A 442 -13.51 2.65 32.93
N LEU A 443 -13.44 2.54 34.26
CA LEU A 443 -13.32 1.22 34.88
C LEU A 443 -14.57 0.37 34.67
N LYS A 444 -15.72 1.01 34.44
CA LYS A 444 -16.98 0.28 34.26
C LYS A 444 -17.35 0.08 32.80
N GLY A 445 -16.86 0.93 31.89
CA GLY A 445 -17.10 0.76 30.48
C GLY A 445 -17.87 1.87 29.80
N ASP A 446 -18.45 2.81 30.56
CA ASP A 446 -19.19 3.91 29.95
C ASP A 446 -18.28 4.93 29.30
N MET A 447 -17.00 4.97 29.68
CA MET A 447 -16.05 5.94 29.17
C MET A 447 -14.77 5.24 28.72
N SER A 448 -14.12 5.83 27.73
CA SER A 448 -12.77 5.51 27.33
C SER A 448 -11.88 6.71 27.63
N LEU A 449 -10.61 6.62 27.25
CA LEU A 449 -9.75 7.79 27.34
C LEU A 449 -9.84 8.64 26.08
N VAL A 450 -9.88 8.00 24.92
CA VAL A 450 -9.90 8.70 23.64
C VAL A 450 -11.29 8.54 23.04
N GLY A 451 -11.94 9.66 22.74
CA GLY A 451 -13.26 9.65 22.17
C GLY A 451 -13.88 11.03 22.09
N PRO A 452 -15.12 11.10 21.61
CA PRO A 452 -15.80 12.40 21.55
C PRO A 452 -16.04 12.97 22.94
N ARG A 453 -16.03 14.29 23.02
CA ARG A 453 -16.28 14.97 24.29
C ARG A 453 -17.70 14.69 24.76
N PRO A 454 -17.90 14.32 26.03
CA PRO A 454 -19.26 14.12 26.53
C PRO A 454 -20.07 15.41 26.47
N ILE A 455 -21.36 15.27 26.14
CA ILE A 455 -22.27 16.40 26.02
C ILE A 455 -23.59 16.03 26.68
N VAL A 456 -24.40 17.05 26.94
CA VAL A 456 -25.75 16.84 27.49
C VAL A 456 -26.68 16.41 26.37
N SER A 457 -27.86 15.92 26.72
CA SER A 457 -28.80 15.44 25.71
C SER A 457 -29.31 16.56 24.83
N ASP A 458 -29.29 17.80 25.32
CA ASP A 458 -29.72 18.92 24.51
C ASP A 458 -28.72 19.23 23.40
N GLU A 459 -27.44 18.96 23.63
CA GLU A 459 -26.41 19.20 22.62
C GLU A 459 -26.41 18.15 21.51
N LEU A 460 -27.23 17.10 21.66
CA LEU A 460 -27.25 16.02 20.67
C LEU A 460 -27.70 16.53 19.30
N GLU A 461 -28.72 17.39 19.29
CA GLU A 461 -29.28 17.88 18.02
C GLU A 461 -28.23 18.55 17.15
N ARG A 462 -27.24 19.19 17.76
CA ARG A 462 -26.20 19.89 17.00
C ARG A 462 -25.37 18.93 16.16
N TYR A 463 -25.35 17.64 16.49
CA TYR A 463 -24.68 16.66 15.65
C TYR A 463 -25.43 16.40 14.36
N CYS A 464 -26.75 16.62 14.35
CA CYS A 464 -27.61 16.47 13.16
C CYS A 464 -27.39 15.07 12.58
N ASP A 465 -27.15 14.93 11.28
CA ASP A 465 -27.02 13.62 10.66
C ASP A 465 -25.85 12.83 11.23
N ASP A 466 -24.93 13.49 11.93
CA ASP A 466 -23.78 12.83 12.52
C ASP A 466 -24.07 12.23 13.89
N VAL A 467 -25.33 12.32 14.37
CA VAL A 467 -25.68 11.75 15.67
C VAL A 467 -25.30 10.27 15.73
N ASP A 468 -25.59 9.53 14.67
CA ASP A 468 -25.26 8.11 14.63
C ASP A 468 -23.76 7.88 14.83
N TYR A 469 -22.93 8.77 14.28
CA TYR A 469 -21.49 8.64 14.48
C TYR A 469 -21.12 8.91 15.93
N TYR A 470 -21.82 9.84 16.59
CA TYR A 470 -21.56 10.15 17.98
C TYR A 470 -21.95 9.02 18.92
N LEU A 471 -22.91 8.19 18.53
CA LEU A 471 -23.42 7.13 19.39
C LEU A 471 -22.76 5.78 19.15
N MET A 472 -21.95 5.64 18.10
CA MET A 472 -21.34 4.37 17.74
C MET A 472 -20.17 4.00 18.64
N ALA A 473 -19.41 4.99 19.13
CA ALA A 473 -18.21 4.75 19.90
C ALA A 473 -18.38 5.27 21.32
N LYS A 474 -17.68 4.63 22.25
CA LYS A 474 -17.72 5.07 23.64
C LYS A 474 -17.09 6.44 23.77
N PRO A 475 -17.67 7.34 24.55
CA PRO A 475 -17.04 8.64 24.79
C PRO A 475 -15.69 8.47 25.50
N GLY A 476 -14.79 9.39 25.24
CA GLY A 476 -13.46 9.37 25.82
C GLY A 476 -13.19 10.61 26.65
N MET A 477 -12.16 10.52 27.50
CA MET A 477 -11.70 11.68 28.24
C MET A 477 -11.22 12.78 27.30
N THR A 478 -10.48 12.40 26.27
CA THR A 478 -9.93 13.34 25.30
C THR A 478 -10.31 12.91 23.89
N GLY A 479 -10.17 13.85 22.96
CA GLY A 479 -10.52 13.58 21.58
C GLY A 479 -9.64 14.32 20.59
N LEU A 480 -9.99 14.24 19.31
CA LEU A 480 -9.16 14.87 18.28
C LEU A 480 -9.20 16.39 18.39
N TRP A 481 -10.38 16.96 18.63
CA TRP A 481 -10.50 18.41 18.67
C TRP A 481 -9.85 19.01 19.91
N GLN A 482 -9.75 18.24 21.00
CA GLN A 482 -9.15 18.76 22.23
C GLN A 482 -7.68 19.09 22.05
N VAL A 483 -6.98 18.38 21.18
CA VAL A 483 -5.55 18.59 21.00
C VAL A 483 -5.21 19.21 19.64
N SER A 484 -6.11 19.17 18.67
CA SER A 484 -5.83 19.74 17.36
C SER A 484 -5.77 21.26 17.41
N ASP A 490 -15.42 26.01 16.35
CA ASP A 490 -16.79 26.05 16.85
C ASP A 490 -17.32 24.65 17.13
N TYR A 491 -18.62 24.55 17.39
CA TYR A 491 -19.22 23.25 17.68
C TYR A 491 -19.21 22.35 16.45
N ASP A 492 -19.45 22.91 15.26
CA ASP A 492 -19.43 22.10 14.05
C ASP A 492 -18.05 21.52 13.79
N THR A 493 -17.00 22.28 14.08
CA THR A 493 -15.64 21.76 13.96
C THR A 493 -15.41 20.59 14.90
N ARG A 494 -15.90 20.71 16.14
CA ARG A 494 -15.78 19.62 17.10
C ARG A 494 -16.54 18.38 16.62
N VAL A 495 -17.74 18.59 16.07
CA VAL A 495 -18.53 17.46 15.56
C VAL A 495 -17.81 16.78 14.40
N TYR A 496 -17.26 17.57 13.48
CA TYR A 496 -16.53 16.98 12.35
C TYR A 496 -15.30 16.23 12.81
N PHE A 497 -14.56 16.79 13.77
CA PHE A 497 -13.37 16.11 14.28
C PHE A 497 -13.74 14.80 14.97
N ASP A 498 -14.81 14.81 15.77
CA ASP A 498 -15.24 13.58 16.43
C ASP A 498 -15.71 12.54 15.42
N SER A 499 -16.42 12.97 14.39
CA SER A 499 -16.87 12.04 13.35
C SER A 499 -15.68 11.45 12.59
N TRP A 500 -14.68 12.28 12.28
CA TRP A 500 -13.49 11.77 11.62
C TRP A 500 -12.74 10.79 12.51
N TYR A 501 -12.67 11.07 13.81
CA TYR A 501 -12.05 10.14 14.74
C TYR A 501 -12.80 8.81 14.78
N VAL A 502 -14.13 8.87 14.82
CA VAL A 502 -14.92 7.64 14.87
C VAL A 502 -14.75 6.83 13.59
N LYS A 503 -14.79 7.50 12.44
CA LYS A 503 -14.68 6.80 11.16
C LYS A 503 -13.30 6.18 10.98
N ASN A 504 -12.26 6.90 11.38
CA ASN A 504 -10.87 6.50 11.15
C ASN A 504 -10.15 6.19 12.46
N TRP A 505 -10.81 5.46 13.36
CA TRP A 505 -10.21 5.13 14.65
C TRP A 505 -9.18 4.02 14.49
N THR A 506 -8.01 4.24 15.08
CA THR A 506 -6.99 3.20 15.23
C THR A 506 -6.41 3.29 16.63
N LEU A 507 -5.82 2.18 17.08
CA LEU A 507 -5.11 2.21 18.35
C LEU A 507 -3.95 3.20 18.31
N TRP A 508 -3.31 3.35 17.16
CA TRP A 508 -2.28 4.37 17.01
C TRP A 508 -2.87 5.77 17.18
N ASN A 509 -4.06 6.00 16.65
CA ASN A 509 -4.72 7.29 16.86
C ASN A 509 -5.01 7.52 18.34
N ASP A 510 -5.41 6.47 19.05
CA ASP A 510 -5.62 6.60 20.50
C ASP A 510 -4.34 6.98 21.20
N ILE A 511 -3.23 6.32 20.85
CA ILE A 511 -1.95 6.62 21.49
C ILE A 511 -1.53 8.05 21.18
N ALA A 512 -1.68 8.47 19.92
CA ALA A 512 -1.29 9.83 19.54
C ALA A 512 -2.12 10.87 20.27
N ILE A 513 -3.44 10.65 20.37
CA ILE A 513 -4.29 11.62 21.03
C ILE A 513 -4.02 11.66 22.53
N LEU A 514 -3.73 10.51 23.13
CA LEU A 514 -3.38 10.48 24.55
C LEU A 514 -2.08 11.23 24.81
N PHE A 515 -1.06 11.00 23.97
CA PHE A 515 0.20 11.71 24.13
C PHE A 515 0.02 13.22 23.92
N LYS A 516 -0.79 13.60 22.93
CA LYS A 516 -1.06 15.02 22.72
C LYS A 516 -1.81 15.63 23.88
N THR A 517 -2.71 14.86 24.50
CA THR A 517 -3.44 15.34 25.67
C THR A 517 -2.51 15.55 26.85
N ALA A 518 -1.58 14.62 27.08
CA ALA A 518 -0.59 14.81 28.12
C ALA A 518 0.28 16.03 27.82
N LYS A 519 0.65 16.22 26.55
CA LYS A 519 1.42 17.38 26.14
C LYS A 519 0.67 18.67 26.44
N VAL A 520 -0.63 18.70 26.13
CA VAL A 520 -1.45 19.87 26.40
C VAL A 520 -1.54 20.12 27.90
N VAL A 521 -1.72 19.06 28.68
CA VAL A 521 -1.77 19.21 30.14
C VAL A 521 -0.46 19.81 30.65
N LEU A 522 0.67 19.37 30.10
CA LEU A 522 1.96 19.94 30.51
C LEU A 522 2.07 21.41 30.14
N ARG A 523 1.59 21.80 28.96
CA ARG A 523 1.65 23.20 28.54
C ARG A 523 0.37 23.93 28.91
N LYS B 59 -24.64 -21.93 -6.27
CA LYS B 59 -24.02 -23.06 -5.59
C LYS B 59 -22.75 -22.58 -4.90
N TYR B 60 -22.49 -21.29 -5.02
CA TYR B 60 -21.25 -20.70 -4.52
C TYR B 60 -21.03 -21.04 -3.05
N ASN B 61 -19.81 -21.44 -2.71
CA ASN B 61 -19.45 -21.83 -1.35
C ASN B 61 -18.08 -21.28 -0.99
N PRO B 62 -18.00 -20.21 -0.20
CA PRO B 62 -16.70 -19.59 0.06
C PRO B 62 -15.80 -20.39 0.98
N GLN B 63 -16.35 -20.92 2.07
CA GLN B 63 -15.50 -21.59 3.06
C GLN B 63 -14.87 -22.86 2.50
N LEU B 64 -15.61 -23.61 1.69
CA LEU B 64 -14.99 -24.77 1.03
C LEU B 64 -13.87 -24.33 0.10
N CYS B 65 -14.08 -23.23 -0.64
CA CYS B 65 -13.03 -22.70 -1.49
C CYS B 65 -11.77 -22.39 -0.68
N LYS B 66 -11.93 -21.68 0.43
CA LYS B 66 -10.78 -21.29 1.25
C LYS B 66 -10.07 -22.51 1.83
N ILE B 67 -10.85 -23.48 2.33
CA ILE B 67 -10.27 -24.68 2.93
C ILE B 67 -9.48 -25.46 1.88
N PHE B 68 -10.07 -25.66 0.70
CA PHE B 68 -9.39 -26.39 -0.36
C PHE B 68 -8.13 -25.66 -0.80
N LEU B 69 -8.19 -24.33 -0.92
CA LEU B 69 -7.03 -23.57 -1.35
C LEU B 69 -5.90 -23.67 -0.33
N ALA B 70 -6.23 -23.58 0.96
CA ALA B 70 -5.21 -23.71 2.00
C ALA B 70 -4.61 -25.10 2.01
N ILE B 71 -5.44 -26.13 1.85
CA ILE B 71 -4.94 -27.50 1.80
C ILE B 71 -3.97 -27.66 0.63
N SER B 72 -4.36 -27.13 -0.54
CA SER B 72 -3.47 -27.19 -1.70
C SER B 72 -2.15 -26.48 -1.42
N ASP B 73 -2.22 -25.28 -0.86
CA ASP B 73 -1.00 -24.52 -0.57
C ASP B 73 -0.06 -25.32 0.32
N LEU B 74 -0.58 -25.82 1.44
CA LEU B 74 0.29 -26.53 2.39
C LEU B 74 0.85 -27.81 1.77
N ILE B 75 -0.03 -28.63 1.18
CA ILE B 75 0.39 -29.92 0.66
C ILE B 75 1.43 -29.76 -0.44
N PHE B 76 1.17 -28.84 -1.39
CA PHE B 76 2.10 -28.69 -2.51
C PHE B 76 3.37 -27.96 -2.09
N PHE B 77 3.31 -27.06 -1.10
CA PHE B 77 4.54 -26.45 -0.61
C PHE B 77 5.44 -27.49 0.04
N ASN B 78 4.85 -28.44 0.79
CA ASN B 78 5.65 -29.56 1.28
C ASN B 78 6.16 -30.42 0.13
N LEU B 79 5.30 -30.68 -0.86
CA LEU B 79 5.68 -31.55 -1.97
C LEU B 79 6.84 -30.98 -2.78
N ALA B 80 7.02 -29.66 -2.79
CA ALA B 80 8.18 -29.08 -3.45
C ALA B 80 9.47 -29.59 -2.82
N LEU B 81 9.56 -29.54 -1.48
CA LEU B 81 10.75 -30.03 -0.80
C LEU B 81 10.89 -31.54 -0.94
N TRP B 82 9.77 -32.27 -0.90
CA TRP B 82 9.86 -33.71 -1.11
C TRP B 82 10.38 -34.04 -2.50
N PHE B 83 9.96 -33.28 -3.52
CA PHE B 83 10.46 -33.49 -4.87
C PHE B 83 11.94 -33.14 -4.97
N SER B 84 12.37 -32.08 -4.27
CA SER B 84 13.79 -31.77 -4.23
C SER B 84 14.57 -32.92 -3.63
N LEU B 85 14.07 -33.49 -2.53
CA LEU B 85 14.71 -34.64 -1.90
C LEU B 85 14.79 -35.81 -2.87
N GLY B 86 13.68 -36.08 -3.57
CA GLY B 86 13.66 -37.21 -4.49
C GLY B 86 14.62 -37.05 -5.66
N CYS B 87 14.68 -35.85 -6.23
CA CYS B 87 15.61 -35.61 -7.33
C CYS B 87 17.06 -35.70 -6.86
N VAL B 88 17.36 -35.15 -5.69
CA VAL B 88 18.71 -35.25 -5.16
C VAL B 88 19.09 -36.71 -4.94
N TYR B 89 18.17 -37.51 -4.39
CA TYR B 89 18.43 -38.93 -4.21
C TYR B 89 18.64 -39.64 -5.55
N PHE B 90 17.81 -39.32 -6.54
CA PHE B 90 17.93 -40.03 -7.82
C PHE B 90 19.24 -39.71 -8.52
N ILE B 91 19.72 -38.47 -8.43
CA ILE B 91 20.89 -38.09 -9.19
C ILE B 91 22.20 -38.27 -8.42
N PHE B 92 22.18 -38.19 -7.08
CA PHE B 92 23.40 -38.36 -6.29
C PHE B 92 23.44 -39.64 -5.47
N ASP B 93 22.29 -40.22 -5.12
CA ASP B 93 22.12 -41.50 -4.44
C ASP B 93 22.44 -41.45 -2.95
N GLN B 94 22.92 -40.33 -2.42
CA GLN B 94 23.21 -40.22 -0.99
C GLN B 94 22.98 -38.78 -0.55
N VAL B 95 22.01 -38.59 0.35
CA VAL B 95 21.73 -37.28 0.91
C VAL B 95 22.24 -37.24 2.35
N GLN B 96 22.40 -38.42 2.96
CA GLN B 96 23.18 -38.48 4.19
C GLN B 96 24.57 -37.92 3.96
N ARG B 97 25.12 -38.16 2.77
CA ARG B 97 26.24 -37.36 2.28
C ARG B 97 26.01 -35.87 2.55
N PHE B 98 24.84 -35.37 2.14
CA PHE B 98 24.56 -33.94 2.17
C PHE B 98 23.91 -33.52 3.50
N ILE B 99 22.75 -34.07 3.80
CA ILE B 99 22.03 -33.80 5.05
C ILE B 99 22.02 -35.09 5.85
N PRO B 100 22.71 -35.16 6.99
CA PRO B 100 22.65 -36.35 7.84
C PRO B 100 21.23 -36.61 8.33
N GLN B 101 21.04 -37.78 8.94
CA GLN B 101 19.70 -38.27 9.25
C GLN B 101 19.03 -37.45 10.35
N ASP B 102 19.75 -37.20 11.45
CA ASP B 102 19.14 -36.49 12.58
C ASP B 102 18.70 -35.07 12.23
N GLN B 103 19.25 -34.49 11.17
CA GLN B 103 18.76 -33.21 10.67
C GLN B 103 17.33 -33.29 10.16
N LEU B 104 16.99 -34.39 9.45
CA LEU B 104 15.76 -34.44 8.65
C LEU B 104 14.57 -33.91 9.44
N ASP B 105 14.21 -34.60 10.53
CA ASP B 105 13.04 -34.20 11.29
C ASP B 105 13.13 -32.73 11.68
N THR B 106 14.24 -32.34 12.30
CA THR B 106 14.43 -30.93 12.64
C THR B 106 14.20 -30.08 11.41
N ARG B 107 14.98 -30.32 10.35
CA ARG B 107 14.82 -29.52 9.14
C ARG B 107 13.37 -29.53 8.70
N VAL B 108 12.76 -30.71 8.62
CA VAL B 108 11.43 -30.76 8.01
C VAL B 108 10.44 -29.98 8.87
N ILE B 109 10.57 -30.07 10.20
CA ILE B 109 9.60 -29.35 11.02
C ILE B 109 9.76 -27.86 10.82
N THR B 110 11.01 -27.39 10.70
CA THR B 110 11.23 -25.99 10.38
C THR B 110 10.52 -25.63 9.09
N HIS B 111 10.68 -26.46 8.06
CA HIS B 111 9.98 -26.21 6.81
C HIS B 111 8.48 -26.17 7.05
N PHE B 112 7.95 -27.12 7.83
CA PHE B 112 6.54 -27.09 8.18
C PHE B 112 6.16 -25.73 8.73
N ILE B 113 6.94 -25.23 9.69
CA ILE B 113 6.64 -23.92 10.26
C ILE B 113 6.61 -22.88 9.15
N LEU B 114 7.65 -22.84 8.33
CA LEU B 114 7.68 -21.89 7.22
C LEU B 114 6.42 -22.04 6.39
N SER B 115 6.04 -23.28 6.07
CA SER B 115 4.85 -23.50 5.26
C SER B 115 3.64 -22.83 5.88
N VAL B 116 3.38 -23.08 7.17
CA VAL B 116 2.18 -22.49 7.75
C VAL B 116 2.33 -20.98 7.78
N VAL B 117 3.54 -20.48 8.06
CA VAL B 117 3.76 -19.04 8.02
C VAL B 117 3.34 -18.50 6.66
N CYS B 118 3.75 -19.20 5.59
CA CYS B 118 3.36 -18.79 4.25
C CYS B 118 1.85 -18.65 4.14
N VAL B 119 1.10 -19.69 4.53
CA VAL B 119 -0.34 -19.61 4.37
C VAL B 119 -0.89 -18.52 5.28
N GLY B 120 -0.29 -18.34 6.45
CA GLY B 120 -0.68 -17.23 7.31
C GLY B 120 -0.51 -15.90 6.60
N TRP B 121 0.64 -15.70 5.96
CA TRP B 121 0.88 -14.44 5.27
C TRP B 121 -0.09 -14.29 4.10
N PHE B 122 -0.63 -15.41 3.61
CA PHE B 122 -1.59 -15.32 2.51
C PHE B 122 -3.02 -15.24 3.03
N TRP B 123 -3.25 -15.58 4.29
CA TRP B 123 -4.62 -15.58 4.80
C TRP B 123 -4.96 -14.28 5.53
N ILE B 124 -4.20 -13.94 6.56
CA ILE B 124 -4.59 -12.85 7.44
C ILE B 124 -3.96 -11.52 7.04
N ARG B 125 -2.88 -11.52 6.26
CA ARG B 125 -2.24 -10.29 5.84
C ARG B 125 -2.54 -9.91 4.40
N LEU B 126 -2.33 -10.81 3.45
CA LEU B 126 -2.61 -10.52 2.05
C LEU B 126 -4.04 -10.83 1.64
N ARG B 127 -4.77 -11.60 2.45
CA ARG B 127 -6.21 -11.81 2.27
C ARG B 127 -6.53 -12.39 0.88
N HIS B 128 -5.78 -13.40 0.46
CA HIS B 128 -6.07 -14.03 -0.83
C HIS B 128 -7.34 -14.86 -0.79
N TYR B 129 -7.89 -15.11 0.40
CA TYR B 129 -8.99 -16.06 0.53
C TYR B 129 -10.35 -15.40 0.73
N THR B 130 -10.39 -14.07 0.84
CA THR B 130 -11.63 -13.33 0.98
C THR B 130 -11.86 -12.32 -0.13
N TYR B 131 -10.81 -11.83 -0.78
CA TYR B 131 -10.94 -10.82 -1.83
C TYR B 131 -10.24 -11.31 -3.09
N ARG B 132 -10.87 -11.09 -4.24
CA ARG B 132 -10.43 -11.67 -5.50
C ARG B 132 -9.60 -10.66 -6.28
N LYS B 133 -8.52 -11.13 -6.90
CA LYS B 133 -7.65 -10.37 -7.77
C LYS B 133 -7.47 -11.11 -9.09
N PRO B 134 -7.11 -10.41 -10.16
CA PRO B 134 -6.82 -11.10 -11.43
C PRO B 134 -5.65 -12.05 -11.27
N PHE B 135 -5.47 -12.90 -12.30
CA PHE B 135 -4.45 -13.94 -12.23
C PHE B 135 -3.05 -13.35 -12.12
N TRP B 136 -2.77 -12.27 -12.86
CA TRP B 136 -1.41 -11.77 -12.93
C TRP B 136 -1.01 -11.00 -11.67
N TYR B 137 -1.93 -10.21 -11.09
CA TYR B 137 -1.62 -9.54 -9.83
C TYR B 137 -1.40 -10.56 -8.72
N GLU B 138 -2.27 -11.58 -8.66
CA GLU B 138 -2.06 -12.70 -7.75
C GLU B 138 -0.68 -13.32 -7.96
N LEU B 139 -0.31 -13.56 -9.20
CA LEU B 139 0.94 -14.23 -9.50
C LEU B 139 2.14 -13.40 -9.06
N LYS B 140 2.10 -12.09 -9.34
CA LYS B 140 3.19 -11.21 -8.95
C LYS B 140 3.32 -11.13 -7.43
N GLU B 141 2.19 -10.96 -6.74
CA GLU B 141 2.23 -10.87 -5.28
C GLU B 141 2.74 -12.17 -4.66
N ILE B 142 2.28 -13.31 -5.19
CA ILE B 142 2.73 -14.60 -4.67
C ILE B 142 4.21 -14.81 -4.93
N PHE B 143 4.69 -14.44 -6.12
CA PHE B 143 6.12 -14.56 -6.41
C PHE B 143 6.94 -13.70 -5.45
N ARG B 144 6.52 -12.46 -5.22
CA ARG B 144 7.26 -11.61 -4.29
C ARG B 144 7.27 -12.21 -2.88
N THR B 145 6.12 -12.68 -2.42
CA THR B 145 6.05 -13.30 -1.09
C THR B 145 6.98 -14.51 -1.00
N ILE B 146 6.97 -15.37 -2.02
CA ILE B 146 7.72 -16.62 -1.93
C ILE B 146 9.22 -16.36 -2.06
N VAL B 147 9.62 -15.37 -2.86
CA VAL B 147 11.05 -15.06 -2.94
C VAL B 147 11.52 -14.43 -1.63
N ILE B 148 10.68 -13.62 -0.99
CA ILE B 148 11.03 -13.10 0.33
C ILE B 148 11.16 -14.24 1.33
N PHE B 149 10.29 -15.24 1.24
CA PHE B 149 10.39 -16.41 2.11
C PHE B 149 11.66 -17.20 1.84
N ALA B 150 12.05 -17.29 0.57
CA ALA B 150 13.32 -17.93 0.22
C ALA B 150 14.48 -17.17 0.84
N ILE B 151 14.40 -15.84 0.87
CA ILE B 151 15.41 -15.04 1.57
C ILE B 151 15.41 -15.39 3.06
N PHE B 152 14.23 -15.50 3.66
CA PHE B 152 14.15 -15.94 5.06
C PHE B 152 14.90 -17.25 5.27
N ASP B 153 14.61 -18.27 4.45
CA ASP B 153 15.18 -19.58 4.71
C ASP B 153 16.68 -19.60 4.40
N LEU B 154 17.11 -18.80 3.43
CA LEU B 154 18.55 -18.67 3.19
C LEU B 154 19.25 -18.06 4.41
N ALA B 155 18.61 -17.05 5.02
CA ALA B 155 19.15 -16.50 6.26
C ALA B 155 19.21 -17.54 7.36
N LEU B 156 18.15 -18.34 7.50
CA LEU B 156 18.15 -19.38 8.53
C LEU B 156 19.26 -20.41 8.30
N ILE B 157 19.42 -20.85 7.05
CA ILE B 157 20.38 -21.92 6.75
C ILE B 157 21.81 -21.42 6.88
N ALA B 158 22.10 -20.23 6.34
CA ALA B 158 23.46 -19.70 6.40
C ALA B 158 23.92 -19.51 7.84
N PHE B 159 22.99 -19.16 8.73
CA PHE B 159 23.32 -18.93 10.13
C PHE B 159 23.52 -20.22 10.91
N THR B 160 23.20 -21.36 10.33
CA THR B 160 23.40 -22.65 10.99
C THR B 160 24.74 -23.24 10.59
N SER B 165 21.81 -26.98 2.23
CA SER B 165 22.63 -26.93 1.02
C SER B 165 22.03 -25.97 -0.01
N ARG B 166 22.91 -25.35 -0.79
CA ARG B 166 22.46 -24.45 -1.84
C ARG B 166 21.64 -25.20 -2.89
N TYR B 167 22.09 -26.39 -3.29
CA TYR B 167 21.44 -27.12 -4.36
C TYR B 167 20.03 -27.53 -3.98
N VAL B 168 19.87 -28.12 -2.79
CA VAL B 168 18.55 -28.56 -2.35
C VAL B 168 17.62 -27.37 -2.14
N TRP B 169 18.16 -26.29 -1.59
CA TRP B 169 17.37 -25.07 -1.42
C TRP B 169 16.85 -24.55 -2.76
N VAL B 170 17.75 -24.46 -3.75
CA VAL B 170 17.34 -23.98 -5.08
C VAL B 170 16.30 -24.90 -5.68
N PHE B 171 16.53 -26.22 -5.59
CA PHE B 171 15.58 -27.17 -6.15
C PHE B 171 14.20 -27.02 -5.51
N CYS B 172 14.15 -27.05 -4.18
CA CYS B 172 12.89 -26.94 -3.46
C CYS B 172 12.13 -25.66 -3.83
N TRP B 173 12.82 -24.52 -3.80
CA TRP B 173 12.13 -23.26 -3.99
C TRP B 173 11.81 -22.96 -5.45
N THR B 174 12.64 -23.37 -6.42
CA THR B 174 12.22 -23.31 -7.81
C THR B 174 10.99 -24.19 -8.04
N PHE B 175 10.99 -25.39 -7.45
CA PHE B 175 9.81 -26.24 -7.52
C PHE B 175 8.59 -25.51 -6.98
N ALA B 176 8.72 -24.89 -5.81
CA ALA B 176 7.59 -24.21 -5.18
C ALA B 176 7.06 -23.09 -6.06
N LEU B 177 7.96 -22.21 -6.54
CA LEU B 177 7.54 -21.15 -7.45
C LEU B 177 6.80 -21.70 -8.66
N ILE B 178 7.25 -22.83 -9.20
CA ILE B 178 6.58 -23.39 -10.37
C ILE B 178 5.21 -23.95 -9.99
N LEU B 179 5.11 -24.63 -8.85
CA LEU B 179 3.96 -25.52 -8.62
C LEU B 179 2.84 -24.84 -7.85
N VAL B 180 3.15 -24.01 -6.85
CA VAL B 180 2.10 -23.45 -6.01
C VAL B 180 1.08 -22.65 -6.82
N PRO B 181 1.48 -21.71 -7.69
CA PRO B 181 0.45 -21.03 -8.49
C PRO B 181 -0.22 -21.94 -9.50
N PHE B 182 0.53 -22.83 -10.15
CA PHE B 182 -0.08 -23.72 -11.14
C PHE B 182 -1.07 -24.68 -10.49
N PHE B 183 -0.72 -25.24 -9.32
CA PHE B 183 -1.65 -26.14 -8.65
C PHE B 183 -2.83 -25.38 -8.04
N ARG B 184 -2.62 -24.13 -7.62
CA ARG B 184 -3.76 -23.32 -7.21
C ARG B 184 -4.70 -23.09 -8.39
N ALA B 185 -4.14 -22.84 -9.58
CA ALA B 185 -4.97 -22.69 -10.78
C ALA B 185 -5.72 -23.98 -11.08
N LEU B 186 -5.03 -25.13 -10.97
CA LEU B 186 -5.68 -26.40 -11.23
C LEU B 186 -6.83 -26.65 -10.25
N THR B 187 -6.58 -26.41 -8.96
CA THR B 187 -7.62 -26.69 -7.97
C THR B 187 -8.79 -25.71 -8.12
N LYS B 188 -8.52 -24.45 -8.45
CA LYS B 188 -9.64 -23.52 -8.64
C LYS B 188 -10.40 -23.83 -9.92
N HIS B 189 -9.74 -24.36 -10.96
CA HIS B 189 -10.45 -24.79 -12.15
C HIS B 189 -11.35 -25.99 -11.85
N LEU B 190 -10.82 -26.99 -11.16
CA LEU B 190 -11.63 -28.14 -10.77
C LEU B 190 -12.77 -27.71 -9.86
N LEU B 191 -12.52 -26.71 -9.02
CA LEU B 191 -13.53 -26.25 -8.08
C LEU B 191 -14.63 -25.47 -8.81
N ASN B 192 -14.24 -24.73 -9.86
CA ASN B 192 -15.22 -24.11 -10.74
C ASN B 192 -16.05 -25.17 -11.45
N LYS B 193 -15.40 -26.26 -11.87
CA LYS B 193 -16.14 -27.39 -12.43
C LYS B 193 -17.09 -27.98 -11.38
N LEU B 194 -16.73 -27.87 -10.10
CA LEU B 194 -17.64 -28.23 -9.03
C LEU B 194 -18.70 -27.17 -8.77
N GLY B 195 -18.51 -25.96 -9.30
CA GLY B 195 -19.57 -24.97 -9.30
C GLY B 195 -19.78 -24.21 -8.01
N ILE B 196 -18.87 -24.31 -7.04
CA ILE B 196 -18.94 -23.46 -5.86
C ILE B 196 -17.92 -22.32 -5.93
N TRP B 197 -17.24 -22.17 -7.06
CA TRP B 197 -16.30 -21.10 -7.31
C TRP B 197 -16.97 -19.82 -7.78
N LYS B 198 -17.82 -19.91 -8.80
CA LYS B 198 -18.49 -18.74 -9.34
C LYS B 198 -19.49 -18.19 -8.33
N LYS B 199 -19.35 -16.91 -7.99
CA LYS B 199 -20.26 -16.24 -7.09
C LYS B 199 -21.05 -15.18 -7.84
N LYS B 200 -22.33 -15.05 -7.47
CA LYS B 200 -23.26 -14.22 -8.21
C LYS B 200 -23.03 -12.75 -7.89
N THR B 201 -22.98 -11.91 -8.92
CA THR B 201 -22.71 -10.49 -8.76
C THR B 201 -23.76 -9.68 -9.51
N ILE B 202 -24.03 -8.48 -8.97
CA ILE B 202 -24.95 -7.53 -9.56
C ILE B 202 -24.19 -6.26 -9.88
N ILE B 203 -24.26 -5.82 -11.14
CA ILE B 203 -23.64 -4.57 -11.58
C ILE B 203 -24.68 -3.46 -11.44
N LEU B 204 -24.22 -2.28 -11.02
CA LEU B 204 -25.07 -1.10 -10.95
C LEU B 204 -24.59 -0.09 -11.99
N GLY B 205 -25.51 0.33 -12.87
CA GLY B 205 -25.18 1.21 -13.97
C GLY B 205 -25.64 0.68 -15.30
N SER B 206 -26.07 1.56 -16.21
CA SER B 206 -26.58 1.15 -17.51
C SER B 206 -25.91 1.89 -18.66
N GLY B 207 -24.71 2.41 -18.44
CA GLY B 207 -23.98 3.12 -19.47
C GLY B 207 -22.79 2.33 -19.97
N GLN B 208 -21.86 3.04 -20.62
CA GLN B 208 -20.69 2.38 -21.19
C GLN B 208 -19.77 1.82 -20.11
N ASN B 209 -19.68 2.51 -18.97
CA ASN B 209 -18.78 2.04 -17.91
C ASN B 209 -19.21 0.67 -17.39
N ALA B 210 -20.51 0.48 -17.14
CA ALA B 210 -20.98 -0.78 -16.59
C ALA B 210 -20.72 -1.93 -17.56
N ARG B 211 -21.02 -1.73 -18.85
CA ARG B 211 -20.84 -2.80 -19.82
C ARG B 211 -19.36 -3.06 -20.08
N GLY B 212 -18.53 -2.02 -20.07
CA GLY B 212 -17.10 -2.21 -20.21
C GLY B 212 -16.51 -2.97 -19.05
N ALA B 213 -16.94 -2.66 -17.83
CA ALA B 213 -16.52 -3.43 -16.66
C ALA B 213 -16.98 -4.87 -16.77
N TYR B 214 -18.21 -5.08 -17.26
CA TYR B 214 -18.71 -6.42 -17.48
C TYR B 214 -17.80 -7.19 -18.44
N SER B 215 -17.46 -6.57 -19.57
CA SER B 215 -16.54 -7.18 -20.51
C SER B 215 -15.19 -7.48 -19.88
N ALA B 216 -14.71 -6.58 -19.02
CA ALA B 216 -13.46 -6.81 -18.32
C ALA B 216 -13.57 -8.04 -17.42
N LEU B 217 -14.71 -8.22 -16.77
CA LEU B 217 -14.93 -9.43 -15.97
C LEU B 217 -14.90 -10.68 -16.82
N GLN B 218 -15.53 -10.65 -18.00
CA GLN B 218 -15.41 -11.83 -18.86
C GLN B 218 -14.03 -11.94 -19.51
N SER B 219 -13.19 -10.91 -19.39
CA SER B 219 -11.85 -11.02 -19.97
C SER B 219 -11.01 -12.06 -19.24
N GLU B 220 -11.41 -12.45 -18.03
CA GLU B 220 -10.71 -13.48 -17.24
C GLU B 220 -11.74 -14.10 -16.28
N GLU B 221 -12.18 -15.30 -16.61
CA GLU B 221 -13.22 -15.96 -15.82
C GLU B 221 -12.70 -16.56 -14.52
N MET B 222 -11.38 -16.72 -14.39
CA MET B 222 -10.83 -17.48 -13.28
C MET B 222 -11.08 -16.86 -11.92
N MET B 223 -11.38 -15.55 -11.85
CA MET B 223 -11.80 -14.99 -10.57
C MET B 223 -13.16 -15.53 -10.14
N GLY B 224 -14.05 -15.80 -11.08
CA GLY B 224 -15.33 -16.39 -10.75
C GLY B 224 -16.45 -15.43 -10.40
N PHE B 225 -16.38 -14.18 -10.85
CA PHE B 225 -17.50 -13.26 -10.71
C PHE B 225 -18.48 -13.57 -11.83
N ASP B 226 -19.58 -14.25 -11.50
CA ASP B 226 -20.64 -14.51 -12.48
C ASP B 226 -21.63 -13.36 -12.37
N VAL B 227 -21.59 -12.45 -13.34
CA VAL B 227 -22.50 -11.32 -13.35
C VAL B 227 -23.88 -11.84 -13.74
N ILE B 228 -24.79 -11.92 -12.77
CA ILE B 228 -26.07 -12.59 -12.99
C ILE B 228 -27.12 -11.60 -13.45
N ALA B 229 -27.02 -10.36 -12.98
CA ALA B 229 -28.00 -9.35 -13.37
C ALA B 229 -27.43 -7.95 -13.13
N PHE B 230 -28.01 -6.98 -13.82
CA PHE B 230 -27.68 -5.58 -13.65
C PHE B 230 -28.71 -4.90 -12.74
N PHE B 231 -28.43 -3.64 -12.41
CA PHE B 231 -29.40 -2.80 -11.72
C PHE B 231 -29.17 -1.34 -12.11
N ASP B 232 -30.26 -0.66 -12.45
CA ASP B 232 -30.22 0.80 -12.63
C ASP B 232 -31.65 1.29 -12.61
N THR B 233 -31.96 2.20 -11.68
CA THR B 233 -33.31 2.73 -11.57
C THR B 233 -33.74 3.47 -12.82
N ASP B 234 -32.80 3.99 -13.60
CA ASP B 234 -33.10 4.82 -14.76
C ASP B 234 -32.52 4.24 -16.05
N ALA B 235 -32.45 2.92 -16.16
CA ALA B 235 -31.88 2.29 -17.34
C ALA B 235 -32.80 2.50 -18.55
N SER B 236 -32.21 2.97 -19.65
CA SER B 236 -32.99 3.18 -20.86
C SER B 236 -33.52 1.85 -21.40
N ASP B 237 -32.68 0.83 -21.43
CA ASP B 237 -33.04 -0.45 -22.03
C ASP B 237 -33.50 -1.44 -20.97
N ALA B 238 -34.06 -2.55 -21.44
CA ALA B 238 -34.36 -3.69 -20.58
C ALA B 238 -33.28 -4.76 -20.63
N GLU B 239 -32.44 -4.76 -21.67
CA GLU B 239 -31.36 -5.72 -21.81
C GLU B 239 -30.04 -4.99 -21.95
N ILE B 240 -29.15 -5.22 -21.00
CA ILE B 240 -27.77 -4.76 -21.08
C ILE B 240 -26.90 -5.99 -21.34
N ASN B 241 -26.24 -6.01 -22.49
CA ASN B 241 -25.37 -7.12 -22.86
C ASN B 241 -26.14 -8.44 -22.82
N MET B 242 -27.44 -8.36 -23.10
CA MET B 242 -28.40 -9.45 -22.88
C MET B 242 -28.46 -9.82 -21.40
N LEU B 243 -28.42 -8.83 -20.50
CA LEU B 243 -28.67 -9.24 -19.12
C LEU B 243 -29.91 -8.55 -18.58
N PRO B 244 -30.59 -9.16 -17.61
CA PRO B 244 -31.78 -8.53 -17.03
C PRO B 244 -31.42 -7.26 -16.28
N VAL B 245 -32.33 -6.30 -16.37
CA VAL B 245 -32.16 -4.99 -15.74
C VAL B 245 -33.17 -4.85 -14.61
N ILE B 246 -32.70 -4.40 -13.45
CA ILE B 246 -33.55 -4.18 -12.30
C ILE B 246 -33.58 -2.68 -12.01
N LYS B 247 -34.80 -2.14 -11.87
CA LYS B 247 -34.99 -0.75 -11.50
C LYS B 247 -35.60 -0.58 -10.11
N ASP B 248 -36.47 -1.51 -9.70
CA ASP B 248 -37.02 -1.49 -8.36
C ASP B 248 -36.07 -2.23 -7.44
N THR B 249 -35.49 -1.50 -6.49
CA THR B 249 -34.39 -2.03 -5.69
C THR B 249 -34.83 -3.15 -4.76
N GLU B 250 -36.15 -3.33 -4.59
CA GLU B 250 -36.65 -4.43 -3.77
C GLU B 250 -36.17 -5.77 -4.27
N ILE B 251 -36.05 -5.94 -5.58
CA ILE B 251 -35.51 -7.16 -6.15
C ILE B 251 -34.09 -7.37 -5.65
N ILE B 252 -33.28 -6.32 -5.69
CA ILE B 252 -31.89 -6.40 -5.26
C ILE B 252 -31.82 -6.82 -3.81
N TRP B 253 -32.64 -6.20 -2.96
CA TRP B 253 -32.49 -6.50 -1.54
C TRP B 253 -33.10 -7.85 -1.18
N ASP B 254 -34.08 -8.31 -1.96
CA ASP B 254 -34.62 -9.65 -1.78
C ASP B 254 -33.62 -10.71 -2.25
N LEU B 255 -32.72 -10.36 -3.17
CA LEU B 255 -31.68 -11.29 -3.56
C LEU B 255 -30.78 -11.69 -2.39
N ASN B 256 -30.76 -10.89 -1.33
CA ASN B 256 -29.93 -11.20 -0.18
C ASN B 256 -30.69 -12.05 0.83
N ASP B 260 -25.06 -13.76 -0.10
CA ASP B 260 -23.89 -14.15 -0.88
C ASP B 260 -23.86 -13.42 -2.21
N VAL B 261 -24.70 -12.40 -2.35
CA VAL B 261 -24.78 -11.60 -3.56
C VAL B 261 -23.71 -10.52 -3.50
N HIS B 262 -22.78 -10.54 -4.45
CA HIS B 262 -21.77 -9.50 -4.53
C HIS B 262 -22.26 -8.35 -5.39
N TYR B 263 -21.66 -7.18 -5.21
CA TYR B 263 -22.10 -5.97 -5.87
C TYR B 263 -20.91 -5.26 -6.52
N ILE B 264 -21.15 -4.74 -7.72
CA ILE B 264 -20.13 -4.01 -8.48
C ILE B 264 -20.73 -2.66 -8.85
N LEU B 265 -20.16 -1.59 -8.31
CA LEU B 265 -20.58 -0.23 -8.62
C LEU B 265 -19.74 0.27 -9.80
N ALA B 266 -20.40 0.57 -10.92
CA ALA B 266 -19.72 1.01 -12.13
C ALA B 266 -20.45 2.20 -12.75
N TYR B 267 -21.05 3.03 -11.91
CA TYR B 267 -21.69 4.24 -12.41
C TYR B 267 -20.64 5.21 -12.96
N GLU B 268 -21.03 5.95 -13.97
CA GLU B 268 -20.10 6.87 -14.63
C GLU B 268 -19.85 8.09 -13.75
N TYR B 269 -18.88 8.90 -14.19
CA TYR B 269 -18.42 10.03 -13.38
C TYR B 269 -19.54 11.02 -13.12
N THR B 270 -20.32 11.37 -14.15
CA THR B 270 -21.43 12.30 -13.96
C THR B 270 -22.51 11.75 -13.04
N GLU B 271 -22.58 10.42 -12.87
CA GLU B 271 -23.52 9.81 -11.95
C GLU B 271 -22.81 9.29 -10.70
N LEU B 272 -21.57 9.74 -10.45
CA LEU B 272 -20.82 9.31 -9.28
C LEU B 272 -21.60 9.56 -8.00
N GLU B 273 -22.41 10.63 -7.97
CA GLU B 273 -23.23 10.92 -6.80
C GLU B 273 -24.13 9.74 -6.45
N LYS B 274 -24.74 9.13 -7.47
CA LYS B 274 -25.53 7.92 -7.25
C LYS B 274 -24.73 6.88 -6.47
N THR B 275 -23.49 6.64 -6.90
CA THR B 275 -22.64 5.68 -6.20
C THR B 275 -22.53 6.03 -4.72
N HIS B 276 -22.35 7.32 -4.42
CA HIS B 276 -22.26 7.74 -3.03
C HIS B 276 -23.51 7.32 -2.26
N PHE B 277 -24.69 7.52 -2.85
CA PHE B 277 -25.92 7.05 -2.23
C PHE B 277 -25.85 5.54 -2.04
N TRP B 278 -25.48 4.80 -3.08
CA TRP B 278 -25.30 3.36 -2.93
C TRP B 278 -24.18 3.06 -1.95
N LEU B 279 -23.17 3.94 -1.88
CA LEU B 279 -22.11 3.78 -0.88
C LEU B 279 -22.71 3.71 0.52
N ARG B 280 -23.77 4.47 0.77
CA ARG B 280 -24.49 4.35 2.04
C ARG B 280 -25.37 3.11 2.05
N GLU B 281 -26.02 2.80 0.93
CA GLU B 281 -27.09 1.80 0.92
C GLU B 281 -26.57 0.44 1.36
N LEU B 282 -25.51 -0.05 0.72
CA LEU B 282 -24.96 -1.35 1.07
C LEU B 282 -24.39 -1.36 2.47
N SER B 283 -24.13 -0.19 3.05
CA SER B 283 -23.67 -0.14 4.44
C SER B 283 -24.83 -0.36 5.41
N LYS B 284 -26.03 0.09 5.05
CA LYS B 284 -27.17 0.01 5.95
C LYS B 284 -27.58 -1.42 6.22
N HIS B 285 -27.61 -2.26 5.18
CA HIS B 285 -27.94 -3.66 5.30
C HIS B 285 -26.71 -4.53 5.51
N HIS B 286 -25.56 -3.92 5.80
CA HIS B 286 -24.35 -4.64 6.20
C HIS B 286 -23.86 -5.60 5.13
N CYS B 287 -23.85 -5.16 3.87
CA CYS B 287 -23.34 -5.99 2.78
C CYS B 287 -21.84 -5.78 2.65
N ARG B 288 -21.05 -6.77 3.06
CA ARG B 288 -19.60 -6.67 2.99
C ARG B 288 -19.05 -6.87 1.58
N SER B 289 -19.78 -7.59 0.72
CA SER B 289 -19.32 -7.89 -0.64
C SER B 289 -19.68 -6.72 -1.54
N VAL B 290 -18.81 -5.71 -1.53
CA VAL B 290 -19.00 -4.49 -2.30
C VAL B 290 -17.71 -4.17 -3.05
N THR B 291 -17.85 -3.68 -4.28
CA THR B 291 -16.69 -3.31 -5.10
C THR B 291 -17.11 -2.19 -6.05
N VAL B 292 -16.23 -1.19 -6.20
CA VAL B 292 -16.50 -0.03 -7.04
C VAL B 292 -15.39 0.07 -8.08
N VAL B 293 -15.80 0.22 -9.34
CA VAL B 293 -14.87 0.40 -10.45
C VAL B 293 -15.11 1.77 -11.06
N PRO B 294 -14.21 2.72 -10.83
CA PRO B 294 -14.40 4.06 -11.38
C PRO B 294 -14.26 4.08 -12.90
N SER B 295 -14.92 5.06 -13.50
CA SER B 295 -14.86 5.25 -14.95
C SER B 295 -13.58 5.99 -15.36
N VAL B 314 -7.19 13.67 2.31
CA VAL B 314 -5.86 14.03 1.85
C VAL B 314 -5.16 12.82 1.27
N MET B 315 -5.37 12.57 -0.03
CA MET B 315 -4.81 11.44 -0.73
C MET B 315 -3.61 11.88 -1.56
N LEU B 316 -2.69 10.96 -1.78
CA LEU B 316 -1.42 11.22 -2.45
C LEU B 316 -1.14 10.09 -3.44
N LEU B 317 -1.43 10.33 -4.71
CA LEU B 317 -1.22 9.34 -5.77
C LEU B 317 0.06 9.70 -6.51
N ARG B 318 1.05 8.81 -6.46
CA ARG B 318 2.31 9.01 -7.15
C ARG B 318 2.27 8.23 -8.46
N ILE B 319 2.17 8.95 -9.57
CA ILE B 319 2.21 8.34 -10.90
C ILE B 319 3.66 8.04 -11.25
N GLN B 320 4.00 6.76 -11.31
CA GLN B 320 5.37 6.32 -11.54
C GLN B 320 5.60 6.14 -13.04
N ASN B 321 6.33 7.08 -13.64
CA ASN B 321 6.74 6.97 -15.03
C ASN B 321 7.98 6.09 -15.08
N ASN B 322 7.75 4.77 -15.16
CA ASN B 322 8.85 3.82 -15.06
C ASN B 322 9.83 3.95 -16.23
N LEU B 323 9.32 4.28 -17.41
CA LEU B 323 10.17 4.38 -18.60
C LEU B 323 11.12 5.57 -18.54
N ALA B 324 10.91 6.49 -17.59
CA ALA B 324 11.82 7.61 -17.41
C ALA B 324 12.99 7.28 -16.49
N LYS B 325 13.05 6.07 -15.96
CA LYS B 325 14.12 5.67 -15.05
C LYS B 325 15.21 4.93 -15.82
N ARG B 326 16.46 5.35 -15.60
CA ARG B 326 17.59 4.73 -16.31
C ARG B 326 17.78 3.29 -15.88
N SER B 327 17.57 3.00 -14.59
CA SER B 327 17.70 1.62 -14.11
C SER B 327 16.67 0.71 -14.78
N SER B 328 15.43 1.19 -14.93
CA SER B 328 14.41 0.42 -15.61
C SER B 328 14.79 0.17 -17.07
N ARG B 329 15.32 1.19 -17.73
CA ARG B 329 15.73 1.05 -19.13
C ARG B 329 16.85 0.03 -19.27
N PHE B 330 17.85 0.08 -18.38
CA PHE B 330 18.94 -0.88 -18.44
C PHE B 330 18.45 -2.30 -18.16
N LEU B 331 17.55 -2.45 -17.19
CA LEU B 331 16.98 -3.77 -16.90
C LEU B 331 16.20 -4.30 -18.10
N LYS B 332 15.44 -3.43 -18.76
CA LYS B 332 14.71 -3.84 -19.96
C LYS B 332 15.65 -4.24 -21.07
N ARG B 333 16.75 -3.50 -21.24
CA ARG B 333 17.75 -3.86 -22.25
C ARG B 333 18.35 -5.23 -21.97
N THR B 334 18.73 -5.49 -20.72
CA THR B 334 19.32 -6.78 -20.36
C THR B 334 18.32 -7.92 -20.58
N PHE B 335 17.09 -7.72 -20.12
CA PHE B 335 16.06 -8.74 -20.30
C PHE B 335 15.79 -9.00 -21.78
N ASP B 336 15.73 -7.93 -22.57
CA ASP B 336 15.52 -8.07 -24.01
C ASP B 336 16.65 -8.89 -24.64
N ILE B 337 17.89 -8.56 -24.32
CA ILE B 337 19.02 -9.27 -24.90
C ILE B 337 18.96 -10.75 -24.54
N VAL B 338 18.75 -11.05 -23.25
CA VAL B 338 18.76 -12.44 -22.80
C VAL B 338 17.64 -13.22 -23.47
N CYS B 339 16.41 -12.70 -23.41
CA CYS B 339 15.27 -13.43 -23.95
C CYS B 339 15.37 -13.58 -25.47
N SER B 340 15.79 -12.53 -26.17
CA SER B 340 15.93 -12.61 -27.62
C SER B 340 16.99 -13.63 -28.02
N ILE B 341 18.13 -13.65 -27.32
CA ILE B 341 19.16 -14.63 -27.63
C ILE B 341 18.63 -16.05 -27.37
N MET B 342 17.93 -16.24 -26.26
CA MET B 342 17.40 -17.58 -25.95
C MET B 342 16.40 -18.03 -27.01
N ILE B 343 15.50 -17.15 -27.43
CA ILE B 343 14.49 -17.58 -28.39
C ILE B 343 15.10 -17.71 -29.79
N LEU B 344 16.15 -16.96 -30.09
CA LEU B 344 16.91 -17.21 -31.31
C LEU B 344 17.51 -18.61 -31.30
N ILE B 345 18.10 -18.99 -30.16
CA ILE B 345 18.65 -20.33 -30.03
C ILE B 345 17.56 -21.38 -30.22
N ILE B 346 16.38 -21.11 -29.66
CA ILE B 346 15.27 -22.08 -29.75
C ILE B 346 14.79 -22.22 -31.18
N ALA B 347 14.59 -21.10 -31.88
CA ALA B 347 13.88 -21.10 -33.16
C ALA B 347 14.79 -20.97 -34.38
N SER B 348 16.11 -21.07 -34.19
CA SER B 348 16.99 -21.03 -35.36
C SER B 348 16.72 -22.13 -36.39
N PRO B 349 16.45 -23.39 -36.03
CA PRO B 349 16.20 -24.39 -37.10
C PRO B 349 14.96 -24.06 -37.93
N LEU B 350 13.88 -23.60 -37.29
CA LEU B 350 12.67 -23.26 -38.05
C LEU B 350 12.92 -22.08 -38.98
N MET B 351 13.62 -21.05 -38.49
CA MET B 351 13.91 -19.89 -39.32
C MET B 351 14.81 -20.26 -40.49
N ILE B 352 15.80 -21.12 -40.26
CA ILE B 352 16.68 -21.55 -41.34
C ILE B 352 15.93 -22.40 -42.36
N TYR B 353 15.02 -23.25 -41.90
CA TYR B 353 14.19 -24.02 -42.82
C TYR B 353 13.29 -23.10 -43.65
N LEU B 354 12.73 -22.07 -43.02
CA LEU B 354 11.96 -21.08 -43.77
C LEU B 354 12.83 -20.38 -44.80
N TRP B 355 14.07 -20.07 -44.42
CA TRP B 355 15.01 -19.48 -45.37
C TRP B 355 15.22 -20.38 -46.57
N TYR B 356 15.48 -21.67 -46.32
CA TYR B 356 15.71 -22.60 -47.42
C TYR B 356 14.49 -22.73 -48.31
N LYS B 357 13.29 -22.78 -47.71
CA LYS B 357 12.08 -22.93 -48.50
C LYS B 357 11.78 -21.68 -49.33
N VAL B 358 11.97 -20.50 -48.75
CA VAL B 358 11.63 -19.27 -49.45
C VAL B 358 12.65 -18.95 -50.53
N THR B 359 13.95 -19.20 -50.25
CA THR B 359 15.00 -18.84 -51.21
C THR B 359 14.97 -19.66 -52.48
N ARG B 360 13.97 -20.52 -52.69
CA ARG B 360 13.88 -21.25 -53.94
C ARG B 360 13.57 -20.33 -55.12
N ASP B 361 13.06 -19.13 -54.86
CA ASP B 361 12.82 -18.15 -55.91
C ASP B 361 14.06 -17.33 -56.25
N GLY B 362 15.10 -17.40 -55.43
CA GLY B 362 16.36 -16.73 -55.72
C GLY B 362 16.51 -15.34 -55.15
N GLY B 363 15.67 -14.93 -54.20
CA GLY B 363 15.74 -13.60 -53.66
C GLY B 363 15.94 -13.58 -52.15
N PRO B 364 16.13 -12.39 -51.59
CA PRO B 364 16.33 -12.28 -50.13
C PRO B 364 15.05 -12.61 -49.38
N ALA B 365 15.11 -13.69 -48.60
CA ALA B 365 13.94 -14.11 -47.83
C ALA B 365 13.61 -13.11 -46.73
N ILE B 366 14.58 -12.29 -46.32
CA ILE B 366 14.41 -11.31 -45.27
C ILE B 366 14.52 -9.92 -45.88
N TYR B 367 13.58 -9.05 -45.55
CA TYR B 367 13.54 -7.69 -46.07
C TYR B 367 13.42 -6.70 -44.93
N GLY B 368 13.89 -5.47 -45.19
CA GLY B 368 13.82 -4.41 -44.22
C GLY B 368 12.83 -3.33 -44.60
N HIS B 369 11.82 -3.12 -43.76
CA HIS B 369 10.79 -2.11 -43.99
C HIS B 369 11.00 -0.95 -43.03
N GLN B 370 10.91 0.27 -43.56
CA GLN B 370 11.13 1.45 -42.73
C GLN B 370 9.94 1.69 -41.80
N ARG B 371 10.24 1.88 -40.52
CA ARG B 371 9.19 2.12 -39.52
C ARG B 371 9.70 3.12 -38.48
N VAL B 372 8.76 3.77 -37.81
CA VAL B 372 9.08 4.77 -36.80
C VAL B 372 9.31 4.06 -35.46
N GLY B 373 10.45 4.33 -34.83
CA GLY B 373 10.83 3.69 -33.60
C GLY B 373 10.93 4.65 -32.43
N ARG B 374 11.84 4.35 -31.51
CA ARG B 374 12.04 5.18 -30.32
C ARG B 374 12.52 6.56 -30.72
N HIS B 375 11.99 7.58 -30.02
CA HIS B 375 12.30 8.99 -30.29
C HIS B 375 11.93 9.41 -31.70
N GLY B 376 11.08 8.63 -32.38
CA GLY B 376 10.78 8.89 -33.77
C GLY B 376 11.81 8.38 -34.75
N LYS B 377 12.83 7.67 -34.29
CA LYS B 377 13.90 7.20 -35.15
C LYS B 377 13.36 6.19 -36.16
N LEU B 378 13.81 6.30 -37.40
CA LEU B 378 13.40 5.39 -38.46
C LEU B 378 14.35 4.19 -38.50
N PHE B 379 13.78 3.00 -38.44
CA PHE B 379 14.55 1.76 -38.40
C PHE B 379 14.08 0.80 -39.48
N PRO B 380 14.96 -0.04 -40.00
CA PRO B 380 14.55 -1.16 -40.85
C PRO B 380 14.13 -2.36 -40.02
N CYS B 381 12.83 -2.63 -40.00
CA CYS B 381 12.33 -3.87 -39.40
C CYS B 381 12.58 -5.03 -40.35
N TYR B 382 13.17 -6.10 -39.82
CA TYR B 382 13.48 -7.29 -40.62
C TYR B 382 12.31 -8.26 -40.56
N LYS B 383 11.85 -8.71 -41.73
CA LYS B 383 10.70 -9.59 -41.81
C LYS B 383 10.92 -10.65 -42.89
N PHE B 384 10.32 -11.82 -42.67
CA PHE B 384 10.23 -12.83 -43.72
C PHE B 384 9.48 -12.25 -44.92
N ARG B 385 10.03 -12.46 -46.11
CA ARG B 385 9.37 -11.99 -47.32
C ARG B 385 8.06 -12.74 -47.53
N SER B 386 7.00 -11.99 -47.84
CA SER B 386 5.68 -12.56 -48.03
C SER B 386 5.14 -12.41 -49.45
N MET B 387 5.80 -11.64 -50.31
CA MET B 387 5.33 -11.38 -51.66
C MET B 387 6.41 -11.74 -52.67
N VAL B 388 5.98 -11.90 -53.93
CA VAL B 388 6.93 -12.21 -54.98
C VAL B 388 7.77 -10.98 -55.32
N MET B 389 8.90 -11.22 -55.97
CA MET B 389 9.82 -10.14 -56.33
C MET B 389 9.20 -9.22 -57.38
N PHE B 427 1.28 -19.35 -45.82
CA PHE B 427 1.42 -20.25 -44.68
C PHE B 427 2.14 -19.56 -43.53
N ILE B 428 3.21 -18.83 -43.86
CA ILE B 428 3.95 -18.09 -42.85
C ILE B 428 3.07 -16.99 -42.25
N ARG B 429 2.32 -16.28 -43.10
CA ARG B 429 1.47 -15.19 -42.61
C ARG B 429 0.37 -15.71 -41.70
N LYS B 430 -0.24 -16.85 -42.05
CA LYS B 430 -1.25 -17.44 -41.18
C LYS B 430 -0.65 -17.84 -39.83
N THR B 431 0.55 -18.39 -39.85
CA THR B 431 1.26 -18.76 -38.62
C THR B 431 1.97 -17.57 -37.99
N SER B 432 1.99 -16.42 -38.65
CA SER B 432 2.57 -15.18 -38.11
C SER B 432 4.06 -15.32 -37.83
N LEU B 433 4.75 -16.20 -38.57
CA LEU B 433 6.20 -16.35 -38.39
C LEU B 433 6.99 -15.24 -39.06
N ASP B 434 6.35 -14.43 -39.91
CA ASP B 434 7.07 -13.42 -40.68
C ASP B 434 7.69 -12.34 -39.80
N GLU B 435 7.28 -12.23 -38.55
CA GLU B 435 7.86 -11.27 -37.62
C GLU B 435 9.08 -11.82 -36.89
N LEU B 436 9.50 -13.04 -37.22
CA LEU B 436 10.66 -13.64 -36.57
C LEU B 436 11.97 -12.86 -36.76
N PRO B 437 12.33 -12.38 -37.95
CA PRO B 437 13.65 -11.73 -38.11
C PRO B 437 13.81 -10.47 -37.28
N GLN B 438 12.73 -9.90 -36.75
CA GLN B 438 12.83 -8.72 -35.90
C GLN B 438 13.71 -8.97 -34.69
N LEU B 439 13.92 -10.22 -34.32
CA LEU B 439 14.84 -10.54 -33.22
C LEU B 439 16.23 -10.04 -33.53
N PHE B 440 16.71 -10.22 -34.76
CA PHE B 440 17.95 -9.58 -35.17
C PHE B 440 17.88 -8.08 -34.91
N ASN B 441 16.76 -7.46 -35.27
CA ASN B 441 16.53 -6.06 -34.93
C ASN B 441 16.68 -5.84 -33.43
N VAL B 442 16.03 -6.67 -32.61
CA VAL B 442 16.10 -6.52 -31.16
C VAL B 442 17.53 -6.70 -30.69
N LEU B 443 18.34 -7.45 -31.44
CA LEU B 443 19.74 -7.64 -31.06
C LEU B 443 20.52 -6.33 -31.16
N LYS B 444 20.06 -5.38 -31.96
CA LYS B 444 20.75 -4.11 -32.10
C LYS B 444 20.18 -3.01 -31.21
N GLY B 445 18.94 -3.14 -30.76
CA GLY B 445 18.38 -2.22 -29.79
C GLY B 445 17.24 -1.33 -30.28
N ASP B 446 16.83 -1.46 -31.54
CA ASP B 446 15.77 -0.59 -32.05
C ASP B 446 14.41 -0.88 -31.41
N MET B 447 14.09 -2.15 -31.15
CA MET B 447 12.84 -2.49 -30.49
C MET B 447 13.06 -3.58 -29.44
N SER B 448 12.09 -3.69 -28.56
CA SER B 448 12.01 -4.74 -27.54
C SER B 448 11.04 -5.82 -28.00
N LEU B 449 10.86 -6.82 -27.14
CA LEU B 449 9.82 -7.82 -27.40
C LEU B 449 8.44 -7.26 -27.11
N VAL B 450 8.31 -6.48 -26.05
CA VAL B 450 7.03 -5.94 -25.60
C VAL B 450 7.03 -4.44 -25.87
N GLY B 451 6.00 -3.97 -26.58
CA GLY B 451 5.85 -2.57 -26.88
C GLY B 451 4.75 -2.30 -27.88
N PRO B 452 4.59 -1.03 -28.27
CA PRO B 452 3.59 -0.69 -29.28
C PRO B 452 3.90 -1.34 -30.62
N ARG B 453 2.84 -1.64 -31.36
CA ARG B 453 3.00 -2.23 -32.69
C ARG B 453 3.67 -1.24 -33.63
N PRO B 454 4.68 -1.66 -34.38
CA PRO B 454 5.30 -0.74 -35.35
C PRO B 454 4.30 -0.32 -36.42
N ILE B 455 4.40 0.95 -36.83
CA ILE B 455 3.52 1.52 -37.85
C ILE B 455 4.37 2.37 -38.79
N VAL B 456 3.78 2.69 -39.95
CA VAL B 456 4.43 3.54 -40.93
C VAL B 456 4.31 5.00 -40.48
N SER B 457 5.08 5.88 -41.13
CA SER B 457 5.08 7.29 -40.72
C SER B 457 3.73 7.94 -40.97
N ASP B 458 2.96 7.43 -41.95
CA ASP B 458 1.64 7.98 -42.22
C ASP B 458 0.67 7.69 -41.08
N GLU B 459 0.84 6.55 -40.41
CA GLU B 459 -0.04 6.18 -39.31
C GLU B 459 0.26 6.96 -38.04
N LEU B 460 1.33 7.76 -38.03
CA LEU B 460 1.70 8.52 -36.83
C LEU B 460 0.62 9.52 -36.45
N GLU B 461 0.03 10.19 -37.45
CA GLU B 461 -0.96 11.23 -37.17
C GLU B 461 -2.15 10.69 -36.37
N ARG B 462 -2.50 9.41 -36.57
CA ARG B 462 -3.63 8.84 -35.87
C ARG B 462 -3.41 8.77 -34.36
N TYR B 463 -2.15 8.85 -33.90
CA TYR B 463 -1.90 8.92 -32.48
C TYR B 463 -2.26 10.29 -31.89
N CYS B 464 -2.25 11.33 -32.72
CA CYS B 464 -2.63 12.70 -32.33
C CYS B 464 -1.81 13.10 -31.11
N ASP B 465 -2.44 13.61 -30.04
CA ASP B 465 -1.69 14.11 -28.89
C ASP B 465 -0.89 13.01 -28.20
N ASP B 466 -1.20 11.75 -28.50
CA ASP B 466 -0.50 10.62 -27.90
C ASP B 466 0.78 10.24 -28.66
N VAL B 467 1.14 11.00 -29.70
CA VAL B 467 2.36 10.69 -30.47
C VAL B 467 3.56 10.62 -29.55
N ASP B 468 3.67 11.57 -28.60
CA ASP B 468 4.79 11.58 -27.68
C ASP B 468 4.86 10.29 -26.87
N TYR B 469 3.70 9.74 -26.50
CA TYR B 469 3.69 8.46 -25.79
C TYR B 469 4.18 7.33 -26.69
N TYR B 470 3.85 7.40 -27.99
CA TYR B 470 4.30 6.38 -28.93
C TYR B 470 5.80 6.46 -29.18
N LEU B 471 6.41 7.63 -29.05
CA LEU B 471 7.83 7.82 -29.32
C LEU B 471 8.71 7.73 -28.08
N MET B 472 8.12 7.53 -26.89
CA MET B 472 8.90 7.51 -25.67
C MET B 472 9.53 6.16 -25.38
N ALA B 473 8.93 5.07 -25.85
CA ALA B 473 9.42 3.73 -25.60
C ALA B 473 9.76 3.04 -26.91
N LYS B 474 10.69 2.09 -26.84
CA LYS B 474 11.02 1.30 -28.00
C LYS B 474 9.81 0.46 -28.41
N PRO B 475 9.55 0.29 -29.71
CA PRO B 475 8.44 -0.56 -30.13
C PRO B 475 8.68 -2.00 -29.72
N GLY B 476 7.62 -2.80 -29.78
CA GLY B 476 7.69 -4.20 -29.44
C GLY B 476 7.07 -5.08 -30.51
N MET B 477 7.52 -6.34 -30.56
CA MET B 477 6.86 -7.33 -31.39
C MET B 477 5.41 -7.54 -30.96
N THR B 478 5.19 -7.52 -29.65
CA THR B 478 3.85 -7.71 -29.08
C THR B 478 3.56 -6.57 -28.12
N GLY B 479 2.26 -6.32 -27.90
CA GLY B 479 1.83 -5.28 -27.00
C GLY B 479 0.55 -5.63 -26.28
N LEU B 480 -0.02 -4.66 -25.57
CA LEU B 480 -1.22 -4.93 -24.79
C LEU B 480 -2.42 -5.23 -25.68
N TRP B 481 -2.58 -4.49 -26.78
CA TRP B 481 -3.75 -4.70 -27.63
C TRP B 481 -3.68 -6.01 -28.40
N GLN B 482 -2.46 -6.51 -28.65
CA GLN B 482 -2.33 -7.76 -29.41
C GLN B 482 -2.93 -8.95 -28.68
N VAL B 483 -2.84 -8.97 -27.35
CA VAL B 483 -3.33 -10.09 -26.57
C VAL B 483 -4.62 -9.82 -25.82
N SER B 484 -4.99 -8.55 -25.64
CA SER B 484 -6.20 -8.20 -24.92
C SER B 484 -7.45 -8.57 -25.72
N ASP B 490 -10.63 -0.92 -32.77
CA ASP B 490 -10.20 -0.04 -33.85
C ASP B 490 -8.80 0.51 -33.58
N TYR B 491 -8.38 1.47 -34.40
CA TYR B 491 -7.06 2.06 -34.24
C TYR B 491 -6.96 2.88 -32.96
N ASP B 492 -8.03 3.59 -32.59
CA ASP B 492 -8.01 4.38 -31.36
C ASP B 492 -7.86 3.48 -30.13
N THR B 493 -8.50 2.30 -30.16
CA THR B 493 -8.32 1.35 -29.07
C THR B 493 -6.87 0.89 -28.97
N ARG B 494 -6.24 0.63 -30.12
CA ARG B 494 -4.83 0.24 -30.11
C ARG B 494 -3.95 1.36 -29.56
N VAL B 495 -4.24 2.60 -29.95
CA VAL B 495 -3.47 3.75 -29.47
C VAL B 495 -3.63 3.89 -27.96
N TYR B 496 -4.86 3.76 -27.45
CA TYR B 496 -5.08 3.87 -26.01
C TYR B 496 -4.38 2.75 -25.26
N PHE B 497 -4.43 1.52 -25.79
CA PHE B 497 -3.76 0.41 -25.12
C PHE B 497 -2.25 0.60 -25.10
N ASP B 498 -1.68 1.08 -26.21
CA ASP B 498 -0.24 1.33 -26.26
C ASP B 498 0.15 2.46 -25.30
N SER B 499 -0.67 3.51 -25.22
CA SER B 499 -0.38 4.59 -24.30
C SER B 499 -0.45 4.12 -22.85
N TRP B 500 -1.45 3.30 -22.53
CA TRP B 500 -1.57 2.75 -21.18
C TRP B 500 -0.37 1.87 -20.85
N TYR B 501 0.08 1.06 -21.82
CA TYR B 501 1.26 0.23 -21.61
C TYR B 501 2.50 1.09 -21.36
N VAL B 502 2.67 2.16 -22.14
CA VAL B 502 3.82 3.03 -21.97
C VAL B 502 3.78 3.72 -20.61
N LYS B 503 2.62 4.24 -20.22
CA LYS B 503 2.51 4.95 -18.95
C LYS B 503 2.72 4.02 -17.76
N ASN B 504 2.18 2.81 -17.84
CA ASN B 504 2.21 1.87 -16.72
C ASN B 504 3.07 0.64 -17.03
N TRP B 505 4.25 0.86 -17.61
CA TRP B 505 5.14 -0.24 -17.96
C TRP B 505 5.82 -0.79 -16.72
N THR B 506 5.79 -2.12 -16.58
CA THR B 506 6.57 -2.83 -15.58
C THR B 506 7.16 -4.07 -16.23
N LEU B 507 8.25 -4.57 -15.64
CA LEU B 507 8.81 -5.83 -16.11
C LEU B 507 7.80 -6.96 -15.95
N TRP B 508 6.97 -6.91 -14.91
CA TRP B 508 5.90 -7.88 -14.78
C TRP B 508 4.91 -7.78 -15.92
N ASN B 509 4.60 -6.55 -16.35
CA ASN B 509 3.72 -6.38 -17.51
C ASN B 509 4.36 -6.96 -18.76
N ASP B 510 5.68 -6.78 -18.92
CA ASP B 510 6.37 -7.39 -20.06
C ASP B 510 6.26 -8.91 -20.03
N ILE B 511 6.48 -9.51 -18.86
CA ILE B 511 6.38 -10.96 -18.75
C ILE B 511 4.96 -11.44 -19.05
N ALA B 512 3.96 -10.73 -18.51
CA ALA B 512 2.57 -11.11 -18.75
C ALA B 512 2.21 -11.02 -20.22
N ILE B 513 2.65 -9.93 -20.90
CA ILE B 513 2.32 -9.77 -22.31
C ILE B 513 3.04 -10.81 -23.15
N LEU B 514 4.29 -11.13 -22.80
CA LEU B 514 5.01 -12.17 -23.54
C LEU B 514 4.34 -13.53 -23.38
N PHE B 515 3.93 -13.86 -22.16
CA PHE B 515 3.24 -15.13 -21.94
C PHE B 515 1.91 -15.17 -22.70
N LYS B 516 1.17 -14.06 -22.68
CA LYS B 516 -0.08 -14.01 -23.42
C LYS B 516 0.15 -14.12 -24.92
N THR B 517 1.24 -13.54 -25.41
CA THR B 517 1.57 -13.65 -26.83
C THR B 517 1.90 -15.08 -27.22
N ALA B 518 2.66 -15.78 -26.38
CA ALA B 518 2.92 -17.20 -26.62
C ALA B 518 1.63 -17.99 -26.59
N LYS B 519 0.74 -17.67 -25.64
CA LYS B 519 -0.56 -18.33 -25.56
C LYS B 519 -1.38 -18.10 -26.83
N VAL B 520 -1.37 -16.87 -27.35
CA VAL B 520 -2.09 -16.57 -28.58
C VAL B 520 -1.49 -17.33 -29.75
N VAL B 521 -0.16 -17.38 -29.82
CA VAL B 521 0.51 -18.13 -30.88
C VAL B 521 0.10 -19.60 -30.83
N LEU B 522 0.00 -20.17 -29.62
CA LEU B 522 -0.43 -21.55 -29.47
C LEU B 522 -1.87 -21.74 -29.93
N ARG B 523 -2.76 -20.81 -29.62
CA ARG B 523 -4.16 -20.90 -30.04
C ARG B 523 -4.38 -20.17 -31.36
#